data_1UH2
#
_entry.id   1UH2
#
_cell.length_a   121.630
_cell.length_b   50.491
_cell.length_c   108.015
_cell.angle_alpha   90.00
_cell.angle_beta   103.82
_cell.angle_gamma   90.00
#
_symmetry.space_group_name_H-M   'C 1 2 1'
#
loop_
_entity.id
_entity.type
_entity.pdbx_description
1 polymer 'alpha-amylase I'
2 branched alpha-D-glucopyranose-(1-4)-alpha-D-glucopyranose-(1-4)-alpha-D-glucopyranose-(1-4)-alpha-D-glucopyranose-(1-4)-alpha-D-glucopyranose
3 branched alpha-D-glucopyranose-(1-4)-alpha-D-glucopyranose-(1-4)-alpha-D-glucopyranose-(1-4)-alpha-D-glucopyranose
4 non-polymer 'CALCIUM ION'
5 water water
#
_entity_poly.entity_id   1
_entity_poly.type   'polypeptide(L)'
_entity_poly.pdbx_seq_one_letter_code
;AANDNNVEWNGLFHDQGPLFDNAPEPTSTQSVTLKLRTFKGDITSANIKYWDTADNAFHWVPMVWDSNDPTGTFDYWKGT
IPASPSIKYYRFQINDGTSTAWYNGNGPSSTEPNADDFYIIPNFKTPDWLKNGVMYQIFPDRFYNGDSSNDVQTGSYTYN
GTPTEKKAWGSSVYADPGYDNSLVFFGGDLAGIDQKLGYIKKTLGANILYLNPIFKAPTNHKYDTQDYMAVDPAFGDNST
LQTLINDIHSTANGPKGYLILDGVFNHTGDSHPWFDKYNNFSSQGAYESQSSPWYNYYTFYTWPDSYASFLGFNSLPKLN
YGNSGSAVRGVIYNNSNSVAKTYLNPPYSVDGWRLNAAQYVDANGNNGSDVTNHQIWSEFRNAVKGVNSNAAIIGQYWGN
ANPWTAQGNQWDAATNFDGFTQPVSEWITGKDYQNNSASISTTQFDSWLRGTRANYPTNVQQSMMNFLSNHDITRFATRS
GGDLWKTYLALIFQMTYVGTPTIYYGDEYGMQGGADPDNRRSFDWSQATPSNSAVALTQKLITIRNQYPALRTGSFMTLI
TDDTNKIYSYGRFDNVNRIAVVLNNDSVSHTVNVPVWQLSMPNGSTVTDKITGHSYTVQNGMVTVAVDGHYGAVLAQ
;
_entity_poly.pdbx_strand_id   A
#
loop_
_chem_comp.id
_chem_comp.type
_chem_comp.name
_chem_comp.formula
CA non-polymer 'CALCIUM ION' 'Ca 2'
GLC D-saccharide, alpha linking alpha-D-glucopyranose 'C6 H12 O6'
#
# COMPACT_ATOMS: atom_id res chain seq x y z
N ALA A 1 -17.75 -15.34 31.99
CA ALA A 1 -17.25 -14.15 32.72
C ALA A 1 -18.27 -13.73 33.77
N ALA A 2 -17.85 -12.83 34.65
CA ALA A 2 -18.73 -12.35 35.71
C ALA A 2 -18.11 -11.12 36.38
N ASN A 3 -18.79 -10.57 37.38
CA ASN A 3 -18.26 -9.44 38.10
C ASN A 3 -17.46 -10.07 39.23
N ASP A 4 -16.16 -10.20 38.97
CA ASP A 4 -15.20 -10.83 39.87
C ASP A 4 -13.94 -9.99 40.04
N ASN A 5 -14.08 -8.68 40.06
CA ASN A 5 -12.91 -7.80 40.17
C ASN A 5 -11.83 -8.21 39.17
N ASN A 6 -12.25 -8.48 37.93
CA ASN A 6 -11.28 -8.87 36.90
C ASN A 6 -11.79 -8.64 35.49
N VAL A 7 -11.07 -7.81 34.73
CA VAL A 7 -11.43 -7.54 33.34
C VAL A 7 -10.72 -8.59 32.49
N GLU A 8 -11.48 -9.41 31.77
CA GLU A 8 -10.89 -10.45 30.93
C GLU A 8 -10.52 -9.92 29.55
N TRP A 9 -9.22 -9.69 29.34
CA TRP A 9 -8.70 -9.17 28.08
C TRP A 9 -9.18 -9.91 26.83
N ASN A 10 -9.26 -11.24 26.92
CA ASN A 10 -9.69 -12.06 25.78
C ASN A 10 -11.08 -11.76 25.25
N GLY A 11 -11.93 -11.17 26.09
CA GLY A 11 -13.28 -10.84 25.63
C GLY A 11 -13.38 -9.43 25.08
N LEU A 12 -12.34 -8.63 25.31
CA LEU A 12 -12.35 -7.24 24.85
C LEU A 12 -12.00 -7.08 23.38
N PHE A 13 -12.59 -6.08 22.75
CA PHE A 13 -12.28 -5.80 21.37
C PHE A 13 -12.90 -4.52 20.84
N HIS A 14 -12.12 -3.84 19.99
CA HIS A 14 -12.56 -2.66 19.30
C HIS A 14 -11.58 -2.27 18.23
N ASP A 15 -12.14 -1.79 17.12
CA ASP A 15 -11.36 -1.28 16.01
C ASP A 15 -12.42 -0.51 15.22
N GLN A 16 -12.05 0.15 14.15
CA GLN A 16 -13.05 0.96 13.48
C GLN A 16 -13.80 0.30 12.33
N GLY A 17 -13.97 -1.03 12.45
CA GLY A 17 -14.71 -1.80 11.47
C GLY A 17 -16.20 -1.50 11.64
N PRO A 18 -17.04 -1.88 10.67
CA PRO A 18 -18.49 -1.65 10.71
C PRO A 18 -19.24 -1.98 12.00
N LEU A 19 -18.89 -3.09 12.63
CA LEU A 19 -19.55 -3.50 13.86
C LEU A 19 -19.25 -2.63 15.08
N PHE A 20 -18.19 -1.84 15.00
CA PHE A 20 -17.79 -1.03 16.15
C PHE A 20 -17.71 0.48 16.00
N ASP A 21 -17.89 0.97 14.78
CA ASP A 21 -17.81 2.41 14.50
C ASP A 21 -18.82 2.73 13.40
N ASN A 22 -19.77 3.61 13.68
CA ASN A 22 -20.78 3.95 12.68
C ASN A 22 -20.36 5.05 11.74
N ALA A 23 -19.21 5.66 12.00
CA ALA A 23 -18.72 6.75 11.16
C ALA A 23 -17.19 6.77 11.09
N PRO A 24 -16.60 5.84 10.33
CA PRO A 24 -15.14 5.74 10.18
C PRO A 24 -14.47 6.91 9.45
N GLU A 25 -15.24 7.61 8.61
CA GLU A 25 -14.71 8.77 7.87
C GLU A 25 -15.78 9.86 7.98
N PRO A 26 -15.93 10.44 9.18
CA PRO A 26 -16.91 11.49 9.45
C PRO A 26 -16.55 12.89 8.97
N THR A 27 -17.58 13.69 8.75
CA THR A 27 -17.37 15.07 8.36
C THR A 27 -17.45 15.86 9.67
N SER A 28 -17.37 17.18 9.57
CA SER A 28 -17.43 18.05 10.75
C SER A 28 -18.74 17.96 11.53
N THR A 29 -19.81 17.58 10.85
CA THR A 29 -21.13 17.52 11.49
C THR A 29 -21.61 16.13 11.88
N GLN A 30 -20.79 15.11 11.66
CA GLN A 30 -21.20 13.76 12.00
C GLN A 30 -20.59 13.23 13.29
N SER A 31 -21.46 12.76 14.19
CA SER A 31 -21.02 12.20 15.46
C SER A 31 -20.49 10.79 15.26
N VAL A 32 -19.63 10.35 16.17
CA VAL A 32 -19.05 9.02 16.08
C VAL A 32 -19.48 8.13 17.24
N THR A 33 -20.29 7.13 16.93
CA THR A 33 -20.74 6.19 17.95
C THR A 33 -19.86 4.95 17.90
N LEU A 34 -19.21 4.68 19.02
CA LEU A 34 -18.29 3.55 19.16
C LEU A 34 -18.89 2.44 20.02
N LYS A 35 -18.54 1.20 19.71
CA LYS A 35 -19.01 0.08 20.49
C LYS A 35 -17.79 -0.71 20.94
N LEU A 36 -17.75 -1.05 22.22
CA LEU A 36 -16.64 -1.82 22.79
C LEU A 36 -17.17 -3.19 23.22
N ARG A 37 -16.52 -4.24 22.74
CA ARG A 37 -16.95 -5.59 23.10
C ARG A 37 -16.26 -6.09 24.37
N THR A 38 -16.99 -6.88 25.16
CA THR A 38 -16.44 -7.49 26.38
C THR A 38 -17.18 -8.81 26.51
N PHE A 39 -16.69 -9.71 27.38
CA PHE A 39 -17.41 -10.96 27.58
C PHE A 39 -18.69 -10.52 28.26
N LYS A 40 -19.76 -11.29 28.08
CA LYS A 40 -21.04 -10.96 28.68
C LYS A 40 -20.93 -10.94 30.21
N GLY A 41 -21.43 -9.85 30.82
CA GLY A 41 -21.40 -9.71 32.27
C GLY A 41 -20.03 -9.63 32.92
N ASP A 42 -19.01 -9.34 32.12
CA ASP A 42 -17.65 -9.26 32.63
C ASP A 42 -17.24 -7.98 33.38
N ILE A 43 -17.84 -6.85 33.04
CA ILE A 43 -17.46 -5.58 33.67
C ILE A 43 -18.57 -4.82 34.40
N THR A 44 -18.18 -3.73 35.07
CA THR A 44 -19.11 -2.88 35.80
C THR A 44 -19.27 -1.51 35.13
N SER A 45 -18.21 -1.04 34.48
CA SER A 45 -18.26 0.25 33.78
C SER A 45 -17.14 0.40 32.76
N ALA A 46 -17.38 1.25 31.77
CA ALA A 46 -16.37 1.51 30.74
C ALA A 46 -16.51 2.96 30.35
N ASN A 47 -15.40 3.57 29.93
CA ASN A 47 -15.42 4.98 29.55
C ASN A 47 -14.54 5.24 28.35
N ILE A 48 -14.99 6.14 27.49
CA ILE A 48 -14.20 6.55 26.33
C ILE A 48 -13.45 7.79 26.76
N LYS A 49 -12.14 7.79 26.56
CA LYS A 49 -11.35 8.96 26.93
C LYS A 49 -10.73 9.47 25.64
N TYR A 50 -11.01 10.71 25.27
CA TYR A 50 -10.43 11.24 24.03
C TYR A 50 -9.78 12.59 24.18
N TRP A 51 -8.68 12.75 23.46
CA TRP A 51 -7.94 14.00 23.44
C TRP A 51 -8.51 14.80 22.28
N ASP A 52 -8.86 16.06 22.53
CA ASP A 52 -9.40 16.90 21.46
C ASP A 52 -8.38 17.97 21.13
N THR A 53 -7.93 17.97 19.87
CA THR A 53 -6.95 18.95 19.43
C THR A 53 -7.54 20.35 19.41
N ALA A 54 -8.87 20.45 19.50
CA ALA A 54 -9.51 21.76 19.50
C ALA A 54 -9.19 22.55 20.77
N ASP A 55 -9.01 21.84 21.88
CA ASP A 55 -8.68 22.51 23.14
C ASP A 55 -7.51 21.89 23.90
N ASN A 56 -6.80 20.97 23.25
CA ASN A 56 -5.66 20.31 23.88
C ASN A 56 -5.96 19.82 25.29
N ALA A 57 -6.96 18.96 25.41
CA ALA A 57 -7.34 18.42 26.72
C ALA A 57 -8.12 17.13 26.52
N PHE A 58 -8.19 16.32 27.57
CA PHE A 58 -8.91 15.06 27.53
C PHE A 58 -10.39 15.27 27.85
N HIS A 59 -11.24 14.43 27.27
CA HIS A 59 -12.68 14.50 27.50
C HIS A 59 -13.18 13.10 27.83
N TRP A 60 -14.17 13.05 28.70
CA TRP A 60 -14.69 11.79 29.22
C TRP A 60 -16.13 11.45 28.79
N VAL A 61 -16.32 10.25 28.27
CA VAL A 61 -17.65 9.81 27.84
C VAL A 61 -17.99 8.42 28.39
N PRO A 62 -18.77 8.37 29.48
CA PRO A 62 -19.14 7.08 30.07
C PRO A 62 -19.96 6.27 29.07
N MET A 63 -19.70 4.97 28.99
CA MET A 63 -20.43 4.12 28.05
C MET A 63 -21.59 3.42 28.74
N VAL A 64 -22.55 2.95 27.95
CA VAL A 64 -23.72 2.24 28.45
C VAL A 64 -23.86 0.92 27.71
N TRP A 65 -24.40 -0.09 28.38
CA TRP A 65 -24.58 -1.39 27.73
C TRP A 65 -25.50 -1.21 26.54
N ASP A 66 -25.18 -1.87 25.43
CA ASP A 66 -25.98 -1.77 24.21
C ASP A 66 -26.74 -3.05 23.88
N SER A 67 -26.01 -4.16 23.81
CA SER A 67 -26.63 -5.43 23.46
C SER A 67 -25.66 -6.61 23.59
N ASN A 68 -26.17 -7.80 23.34
CA ASN A 68 -25.36 -9.02 23.38
C ASN A 68 -25.17 -9.42 21.93
N ASP A 69 -24.18 -10.27 21.65
CA ASP A 69 -23.97 -10.73 20.29
C ASP A 69 -24.93 -11.91 20.12
N PRO A 70 -25.16 -12.35 18.87
CA PRO A 70 -26.06 -13.48 18.59
C PRO A 70 -25.78 -14.78 19.36
N THR A 71 -24.52 -15.03 19.72
CA THR A 71 -24.17 -16.25 20.44
C THR A 71 -24.35 -16.10 21.95
N GLY A 72 -24.67 -14.89 22.39
CA GLY A 72 -24.88 -14.65 23.81
C GLY A 72 -23.59 -14.79 24.61
N THR A 73 -22.45 -14.67 23.92
CA THR A 73 -21.15 -14.79 24.59
C THR A 73 -20.58 -13.42 24.95
N PHE A 74 -20.95 -12.38 24.21
CA PHE A 74 -20.41 -11.05 24.47
C PHE A 74 -21.42 -9.95 24.75
N ASP A 75 -20.87 -8.84 25.24
CA ASP A 75 -21.63 -7.63 25.53
C ASP A 75 -21.05 -6.57 24.61
N TYR A 76 -21.86 -5.61 24.21
CA TYR A 76 -21.39 -4.50 23.40
C TYR A 76 -21.78 -3.23 24.15
N TRP A 77 -20.77 -2.47 24.58
CA TRP A 77 -21.01 -1.23 25.28
C TRP A 77 -20.83 -0.11 24.27
N LYS A 78 -21.53 0.99 24.45
CA LYS A 78 -21.43 2.09 23.49
C LYS A 78 -21.35 3.48 24.09
N GLY A 79 -20.73 4.38 23.33
CA GLY A 79 -20.58 5.76 23.74
C GLY A 79 -20.39 6.56 22.48
N THR A 80 -20.73 7.85 22.53
CA THR A 80 -20.58 8.69 21.34
C THR A 80 -19.69 9.90 21.58
N ILE A 81 -18.80 10.13 20.63
CA ILE A 81 -17.90 11.28 20.65
C ILE A 81 -18.62 12.28 19.75
N PRO A 82 -18.88 13.50 20.26
CA PRO A 82 -19.57 14.57 19.52
C PRO A 82 -18.92 15.03 18.21
N ALA A 83 -19.75 15.52 17.31
CA ALA A 83 -19.29 16.02 16.01
C ALA A 83 -18.61 17.37 16.11
N SER A 84 -17.54 17.54 15.32
CA SER A 84 -16.78 18.78 15.27
C SER A 84 -15.70 18.61 14.19
N PRO A 85 -15.08 19.72 13.76
CA PRO A 85 -14.03 19.70 12.74
C PRO A 85 -12.68 19.20 13.23
N SER A 86 -12.50 19.13 14.54
CA SER A 86 -11.21 18.76 15.11
C SER A 86 -10.81 17.29 15.14
N ILE A 87 -9.50 17.08 14.98
CA ILE A 87 -8.93 15.74 15.04
C ILE A 87 -9.02 15.36 16.50
N LYS A 88 -9.37 14.11 16.76
CA LYS A 88 -9.49 13.60 18.12
C LYS A 88 -8.83 12.21 18.17
N TYR A 89 -8.31 11.84 19.34
CA TYR A 89 -7.67 10.54 19.51
C TYR A 89 -8.31 9.91 20.75
N TYR A 90 -8.76 8.66 20.66
CA TYR A 90 -9.40 8.03 21.81
C TYR A 90 -8.88 6.66 22.24
N ARG A 91 -9.22 6.31 23.48
CA ARG A 91 -8.84 5.03 24.09
C ARG A 91 -9.97 4.69 25.05
N PHE A 92 -9.99 3.46 25.54
CA PHE A 92 -11.04 3.04 26.47
C PHE A 92 -10.52 2.65 27.85
N GLN A 93 -11.26 3.03 28.89
CA GLN A 93 -10.93 2.62 30.25
C GLN A 93 -12.00 1.59 30.55
N ILE A 94 -11.59 0.41 30.99
CA ILE A 94 -12.53 -0.68 31.26
C ILE A 94 -12.39 -1.16 32.70
N ASN A 95 -13.48 -1.11 33.46
CA ASN A 95 -13.44 -1.51 34.87
C ASN A 95 -14.41 -2.62 35.25
N ASP A 96 -13.94 -3.51 36.13
CA ASP A 96 -14.77 -4.58 36.69
C ASP A 96 -14.36 -4.54 38.15
N GLY A 97 -15.12 -3.80 38.96
CA GLY A 97 -14.79 -3.70 40.36
C GLY A 97 -13.41 -3.07 40.52
N THR A 98 -12.55 -3.73 41.27
CA THR A 98 -11.20 -3.25 41.52
C THR A 98 -10.22 -3.49 40.37
N SER A 99 -10.68 -4.11 39.29
CA SER A 99 -9.82 -4.37 38.14
C SER A 99 -10.07 -3.33 37.05
N THR A 100 -8.99 -2.75 36.53
CA THR A 100 -9.08 -1.76 35.46
C THR A 100 -8.13 -2.12 34.33
N ALA A 101 -8.61 -2.00 33.10
CA ALA A 101 -7.79 -2.27 31.92
C ALA A 101 -8.02 -1.12 30.94
N TRP A 102 -7.05 -0.91 30.06
CA TRP A 102 -7.13 0.13 29.05
C TRP A 102 -7.06 -0.55 27.68
N TYR A 103 -7.59 0.12 26.66
CA TYR A 103 -7.60 -0.45 25.32
C TYR A 103 -7.54 0.64 24.26
N ASN A 104 -6.68 0.46 23.27
CA ASN A 104 -6.59 1.41 22.18
C ASN A 104 -6.09 0.71 20.92
N GLY A 105 -5.51 1.46 20.00
CA GLY A 105 -5.04 0.87 18.76
C GLY A 105 -4.12 -0.32 18.94
N ASN A 106 -3.35 -0.32 20.02
CA ASN A 106 -2.42 -1.41 20.29
C ASN A 106 -3.04 -2.54 21.11
N GLY A 107 -4.35 -2.49 21.30
CA GLY A 107 -5.01 -3.53 22.07
C GLY A 107 -5.11 -3.26 23.57
N PRO A 108 -5.30 -4.31 24.38
CA PRO A 108 -5.43 -4.19 25.84
C PRO A 108 -4.13 -3.87 26.59
N SER A 109 -4.27 -3.24 27.75
CA SER A 109 -3.12 -2.88 28.57
C SER A 109 -3.56 -2.73 30.02
N SER A 110 -2.67 -3.06 30.95
CA SER A 110 -2.99 -2.93 32.37
C SER A 110 -2.76 -1.48 32.81
N THR A 111 -1.77 -0.83 32.20
CA THR A 111 -1.46 0.56 32.49
C THR A 111 -2.00 1.43 31.34
N GLU A 112 -2.35 2.67 31.64
CA GLU A 112 -2.90 3.55 30.61
C GLU A 112 -1.86 3.93 29.56
N PRO A 113 -2.14 3.68 28.27
CA PRO A 113 -1.20 4.01 27.20
C PRO A 113 -1.16 5.51 26.90
N ASN A 114 -0.09 5.95 26.23
CA ASN A 114 0.04 7.37 25.88
C ASN A 114 0.26 7.51 24.37
N ALA A 115 0.25 6.39 23.67
CA ALA A 115 0.44 6.38 22.22
C ALA A 115 -0.44 5.30 21.60
N ASP A 116 -0.57 5.34 20.28
CA ASP A 116 -1.37 4.37 19.54
C ASP A 116 -2.86 4.41 19.84
N ASP A 117 -3.38 5.61 20.11
CA ASP A 117 -4.81 5.77 20.34
C ASP A 117 -5.50 5.66 18.99
N PHE A 118 -6.81 5.47 18.97
CA PHE A 118 -7.54 5.40 17.71
C PHE A 118 -7.73 6.82 17.20
N TYR A 119 -7.88 6.96 15.88
CA TYR A 119 -8.03 8.26 15.23
C TYR A 119 -9.42 8.64 14.74
N ILE A 120 -9.74 9.91 14.90
CA ILE A 120 -10.96 10.49 14.38
C ILE A 120 -10.45 11.76 13.69
N ILE A 121 -10.47 11.75 12.36
CA ILE A 121 -9.99 12.89 11.57
C ILE A 121 -11.14 13.36 10.70
N PRO A 122 -11.94 14.32 11.19
CA PRO A 122 -13.07 14.82 10.42
C PRO A 122 -12.71 15.33 9.03
N ASN A 123 -13.54 14.98 8.05
CA ASN A 123 -13.38 15.39 6.65
C ASN A 123 -12.24 14.73 5.88
N PHE A 124 -11.52 13.81 6.53
CA PHE A 124 -10.42 13.11 5.89
C PHE A 124 -10.97 11.86 5.21
N LYS A 125 -10.83 11.79 3.89
CA LYS A 125 -11.33 10.67 3.11
C LYS A 125 -10.29 10.09 2.15
N THR A 126 -10.19 8.76 2.08
CA THR A 126 -9.27 8.16 1.12
C THR A 126 -10.21 7.49 0.11
N PRO A 127 -9.81 7.41 -1.16
CA PRO A 127 -10.65 6.79 -2.19
C PRO A 127 -11.10 5.38 -1.83
N ASP A 128 -12.41 5.15 -1.85
CA ASP A 128 -12.94 3.83 -1.52
C ASP A 128 -12.57 2.79 -2.57
N TRP A 129 -12.33 3.21 -3.80
CA TRP A 129 -11.95 2.24 -4.81
C TRP A 129 -10.56 1.70 -4.48
N LEU A 130 -9.76 2.51 -3.78
CA LEU A 130 -8.42 2.07 -3.38
C LEU A 130 -8.52 1.11 -2.20
N LYS A 131 -9.42 1.40 -1.27
CA LYS A 131 -9.62 0.54 -0.11
C LYS A 131 -10.08 -0.85 -0.54
N ASN A 132 -10.95 -0.89 -1.55
CA ASN A 132 -11.53 -2.13 -2.03
C ASN A 132 -10.87 -2.79 -3.24
N GLY A 133 -9.85 -2.16 -3.79
CA GLY A 133 -9.23 -2.74 -4.98
C GLY A 133 -8.02 -3.62 -4.80
N VAL A 134 -7.54 -4.11 -5.93
CA VAL A 134 -6.34 -4.95 -5.99
C VAL A 134 -5.47 -4.29 -7.05
N MET A 135 -4.23 -4.01 -6.69
CA MET A 135 -3.31 -3.31 -7.58
C MET A 135 -2.29 -4.21 -8.26
N TYR A 136 -1.88 -3.81 -9.46
CA TYR A 136 -0.89 -4.54 -10.21
C TYR A 136 0.17 -3.53 -10.64
N GLN A 137 1.39 -3.69 -10.16
CA GLN A 137 2.46 -2.76 -10.50
C GLN A 137 3.26 -3.25 -11.71
N ILE A 138 3.41 -2.37 -12.69
CA ILE A 138 4.13 -2.70 -13.91
C ILE A 138 5.33 -1.80 -14.20
N PHE A 139 6.47 -2.42 -14.46
CA PHE A 139 7.69 -1.71 -14.83
C PHE A 139 7.64 -1.86 -16.34
N PRO A 140 7.08 -0.84 -17.04
CA PRO A 140 6.87 -0.71 -18.48
C PRO A 140 7.75 -1.47 -19.48
N ASP A 141 9.06 -1.27 -19.41
CA ASP A 141 9.95 -1.94 -20.35
C ASP A 141 10.07 -3.45 -20.17
N ARG A 142 9.43 -3.99 -19.14
CA ARG A 142 9.55 -5.42 -18.88
C ARG A 142 8.25 -6.22 -18.82
N PHE A 143 7.14 -5.61 -19.20
CA PHE A 143 5.86 -6.31 -19.15
C PHE A 143 5.49 -6.96 -20.49
N TYR A 144 5.23 -6.13 -21.50
CA TYR A 144 4.89 -6.65 -22.82
C TYR A 144 5.09 -5.64 -23.94
N ASN A 145 5.86 -6.04 -24.95
CA ASN A 145 6.12 -5.18 -26.09
C ASN A 145 4.95 -5.32 -27.06
N GLY A 146 4.05 -4.34 -27.03
CA GLY A 146 2.89 -4.37 -27.90
C GLY A 146 3.15 -3.69 -29.22
N ASP A 147 4.32 -3.07 -29.35
CA ASP A 147 4.69 -2.37 -30.57
C ASP A 147 6.21 -2.34 -30.70
N SER A 148 6.74 -3.14 -31.61
CA SER A 148 8.18 -3.22 -31.83
C SER A 148 8.75 -2.05 -32.62
N SER A 149 7.88 -1.24 -33.21
CA SER A 149 8.33 -0.09 -34.00
C SER A 149 8.81 1.09 -33.16
N ASN A 150 8.95 0.91 -31.85
CA ASN A 150 9.40 1.99 -30.97
C ASN A 150 10.47 1.48 -30.01
N ASP A 151 10.93 0.26 -30.26
CA ASP A 151 11.94 -0.36 -29.41
C ASP A 151 13.29 0.34 -29.49
N VAL A 152 13.92 0.50 -28.33
CA VAL A 152 15.24 1.11 -28.25
C VAL A 152 16.28 0.05 -28.61
N GLN A 153 16.87 0.20 -29.80
CA GLN A 153 17.89 -0.72 -30.29
C GLN A 153 19.23 -0.47 -29.62
N THR A 154 20.19 -1.34 -29.90
CA THR A 154 21.53 -1.16 -29.35
C THR A 154 22.15 -0.02 -30.13
N GLY A 155 22.73 0.95 -29.42
CA GLY A 155 23.35 2.08 -30.09
C GLY A 155 22.34 3.08 -30.61
N SER A 156 21.06 2.92 -30.26
CA SER A 156 20.01 3.84 -30.70
C SER A 156 20.36 5.27 -30.34
N TYR A 157 20.93 5.45 -29.15
CA TYR A 157 21.34 6.76 -28.68
C TYR A 157 22.25 6.57 -27.49
N THR A 158 22.88 7.66 -27.05
CA THR A 158 23.79 7.57 -25.91
C THR A 158 23.38 8.50 -24.78
N TYR A 159 23.74 8.10 -23.57
CA TYR A 159 23.46 8.91 -22.40
C TYR A 159 24.73 8.97 -21.58
N ASN A 160 25.28 10.18 -21.44
CA ASN A 160 26.51 10.38 -20.71
C ASN A 160 27.61 9.56 -21.38
N GLY A 161 27.58 9.51 -22.70
CA GLY A 161 28.59 8.78 -23.45
C GLY A 161 28.31 7.30 -23.72
N THR A 162 27.47 6.68 -22.88
CA THR A 162 27.15 5.27 -23.05
C THR A 162 25.98 4.99 -23.99
N PRO A 163 26.16 4.03 -24.92
CA PRO A 163 25.12 3.67 -25.87
C PRO A 163 24.08 2.73 -25.24
N THR A 164 22.87 2.75 -25.78
CA THR A 164 21.79 1.90 -25.27
C THR A 164 22.01 0.46 -25.75
N GLU A 165 21.48 -0.50 -25.00
CA GLU A 165 21.62 -1.91 -25.34
C GLU A 165 20.28 -2.63 -25.34
N LYS A 166 19.91 -3.20 -26.49
CA LYS A 166 18.66 -3.94 -26.60
C LYS A 166 18.91 -5.41 -26.33
N LYS A 167 17.89 -6.11 -25.84
CA LYS A 167 18.03 -7.52 -25.56
C LYS A 167 16.78 -8.29 -25.96
N ALA A 168 16.97 -9.54 -26.38
CA ALA A 168 15.86 -10.39 -26.78
C ALA A 168 14.93 -10.62 -25.60
N TRP A 169 13.64 -10.65 -25.88
CA TRP A 169 12.65 -10.85 -24.81
C TRP A 169 12.95 -12.14 -24.08
N GLY A 170 13.15 -12.03 -22.77
CA GLY A 170 13.45 -13.19 -21.97
C GLY A 170 14.91 -13.30 -21.60
N SER A 171 15.77 -12.60 -22.34
CA SER A 171 17.20 -12.62 -22.08
C SER A 171 17.56 -11.96 -20.76
N SER A 172 18.84 -12.05 -20.38
CA SER A 172 19.32 -11.48 -19.13
C SER A 172 19.17 -9.96 -19.04
N VAL A 173 19.06 -9.47 -17.80
CA VAL A 173 18.90 -8.05 -17.51
C VAL A 173 20.21 -7.27 -17.55
N TYR A 174 21.22 -7.74 -16.83
CA TYR A 174 22.51 -7.06 -16.77
C TYR A 174 23.05 -6.72 -18.15
N ALA A 175 23.68 -5.55 -18.25
CA ALA A 175 24.24 -5.09 -19.51
C ALA A 175 25.61 -5.71 -19.74
N ASP A 176 25.85 -6.14 -20.97
CA ASP A 176 27.12 -6.74 -21.34
C ASP A 176 28.19 -5.66 -21.21
N PRO A 177 29.46 -6.06 -21.05
CA PRO A 177 30.54 -5.06 -20.92
C PRO A 177 30.53 -4.08 -22.08
N GLY A 178 30.59 -2.79 -21.74
CA GLY A 178 30.57 -1.76 -22.76
C GLY A 178 29.27 -0.98 -22.69
N TYR A 179 28.34 -1.48 -21.88
CA TYR A 179 27.04 -0.83 -21.71
C TYR A 179 26.71 -0.63 -20.23
N ASP A 180 25.56 -0.01 -19.97
CA ASP A 180 25.14 0.27 -18.59
C ASP A 180 23.79 -0.37 -18.29
N ASN A 181 23.63 -0.88 -17.08
CA ASN A 181 22.38 -1.52 -16.68
C ASN A 181 21.17 -0.59 -16.79
N SER A 182 21.38 0.69 -16.55
CA SER A 182 20.31 1.67 -16.64
C SER A 182 19.94 1.98 -18.08
N LEU A 183 20.70 1.41 -19.01
CA LEU A 183 20.44 1.66 -20.43
C LEU A 183 20.12 0.38 -21.22
N VAL A 184 19.57 -0.62 -20.53
CA VAL A 184 19.19 -1.87 -21.16
C VAL A 184 17.68 -1.85 -21.42
N PHE A 185 17.28 -2.13 -22.66
CA PHE A 185 15.87 -2.10 -23.00
C PHE A 185 15.36 -3.39 -23.65
N PHE A 186 14.18 -3.83 -23.22
CA PHE A 186 13.58 -5.04 -23.75
C PHE A 186 12.44 -4.75 -24.71
N GLY A 187 11.92 -3.53 -24.67
CA GLY A 187 10.84 -3.17 -25.57
C GLY A 187 9.46 -3.00 -24.97
N GLY A 188 9.33 -3.25 -23.66
CA GLY A 188 8.02 -3.11 -23.03
C GLY A 188 7.46 -1.72 -23.28
N ASP A 189 6.15 -1.62 -23.49
CA ASP A 189 5.53 -0.32 -23.77
C ASP A 189 4.05 -0.26 -23.42
N LEU A 190 3.47 0.93 -23.55
CA LEU A 190 2.06 1.14 -23.23
C LEU A 190 1.12 0.28 -24.07
N ALA A 191 1.36 0.23 -25.38
CA ALA A 191 0.54 -0.56 -26.28
C ALA A 191 0.41 -1.99 -25.78
N GLY A 192 1.51 -2.53 -25.28
CA GLY A 192 1.51 -3.88 -24.76
C GLY A 192 0.58 -4.02 -23.57
N ILE A 193 0.71 -3.10 -22.62
CA ILE A 193 -0.14 -3.11 -21.43
C ILE A 193 -1.60 -3.09 -21.86
N ASP A 194 -1.91 -2.22 -22.82
CA ASP A 194 -3.26 -2.10 -23.33
C ASP A 194 -3.76 -3.47 -23.84
N GLN A 195 -2.92 -4.13 -24.61
CA GLN A 195 -3.24 -5.44 -25.18
C GLN A 195 -3.34 -6.54 -24.14
N LYS A 196 -2.71 -6.32 -22.98
CA LYS A 196 -2.72 -7.31 -21.92
C LYS A 196 -3.67 -6.99 -20.77
N LEU A 197 -4.56 -6.02 -20.98
CA LEU A 197 -5.51 -5.65 -19.94
C LEU A 197 -6.43 -6.80 -19.55
N GLY A 198 -6.72 -7.67 -20.51
CA GLY A 198 -7.58 -8.81 -20.24
C GLY A 198 -6.94 -9.74 -19.23
N TYR A 199 -5.63 -9.93 -19.36
CA TYR A 199 -4.91 -10.78 -18.42
C TYR A 199 -4.93 -10.14 -17.04
N ILE A 200 -4.76 -8.83 -17.00
CA ILE A 200 -4.75 -8.10 -15.75
C ILE A 200 -6.12 -8.06 -15.06
N LYS A 201 -7.13 -7.58 -15.77
CA LYS A 201 -8.47 -7.44 -15.20
C LYS A 201 -9.37 -8.68 -15.22
N LYS A 202 -9.00 -9.71 -15.95
CA LYS A 202 -9.83 -10.92 -16.00
C LYS A 202 -9.10 -12.16 -15.51
N THR A 203 -7.96 -12.47 -16.13
CA THR A 203 -7.19 -13.63 -15.72
C THR A 203 -6.80 -13.56 -14.25
N LEU A 204 -6.44 -12.37 -13.79
CA LEU A 204 -6.07 -12.19 -12.39
C LEU A 204 -7.23 -11.54 -11.65
N GLY A 205 -7.71 -10.41 -12.17
CA GLY A 205 -8.82 -9.72 -11.55
C GLY A 205 -8.47 -8.36 -10.98
N ALA A 206 -7.20 -7.97 -11.01
CA ALA A 206 -6.80 -6.68 -10.48
C ALA A 206 -7.55 -5.56 -11.21
N ASN A 207 -7.91 -4.49 -10.49
CA ASN A 207 -8.60 -3.38 -11.12
C ASN A 207 -7.85 -2.07 -11.01
N ILE A 208 -6.63 -2.12 -10.50
CA ILE A 208 -5.79 -0.94 -10.37
C ILE A 208 -4.40 -1.22 -10.91
N LEU A 209 -3.94 -0.37 -11.81
CA LEU A 209 -2.59 -0.52 -12.34
C LEU A 209 -1.76 0.66 -11.84
N TYR A 210 -0.54 0.38 -11.41
CA TYR A 210 0.41 1.39 -10.96
C TYR A 210 1.63 1.18 -11.84
N LEU A 211 1.99 2.20 -12.60
CA LEU A 211 3.13 2.10 -13.49
C LEU A 211 4.32 2.88 -12.98
N ASN A 212 5.52 2.34 -13.18
CA ASN A 212 6.73 3.05 -12.80
C ASN A 212 6.79 4.20 -13.82
N PRO A 213 7.76 5.13 -13.68
CA PRO A 213 7.84 6.24 -14.62
C PRO A 213 7.66 5.91 -16.09
N ILE A 214 6.83 6.72 -16.76
CA ILE A 214 6.57 6.54 -18.19
C ILE A 214 6.86 7.79 -19.01
N PHE A 215 7.35 8.85 -18.35
CA PHE A 215 7.64 10.08 -19.08
C PHE A 215 9.05 10.12 -19.66
N LYS A 216 9.24 10.96 -20.67
CA LYS A 216 10.51 11.12 -21.36
C LYS A 216 11.72 11.16 -20.43
N ALA A 217 12.63 10.20 -20.61
CA ALA A 217 13.85 10.09 -19.82
C ALA A 217 14.78 9.13 -20.55
N PRO A 218 16.11 9.32 -20.41
CA PRO A 218 17.08 8.45 -21.08
C PRO A 218 17.22 7.01 -20.58
N THR A 219 17.09 6.80 -19.27
CA THR A 219 17.24 5.46 -18.70
C THR A 219 16.06 4.53 -18.97
N ASN A 220 16.17 3.29 -18.49
CA ASN A 220 15.09 2.32 -18.68
C ASN A 220 14.06 2.38 -17.53
N HIS A 221 14.47 2.95 -16.40
CA HIS A 221 13.55 3.08 -15.26
C HIS A 221 12.84 4.44 -15.36
N LYS A 222 13.58 5.41 -15.89
CA LYS A 222 13.09 6.76 -16.12
C LYS A 222 12.73 7.62 -14.91
N TYR A 223 13.49 7.49 -13.83
CA TYR A 223 13.26 8.31 -12.65
C TYR A 223 14.07 9.60 -12.83
N ASP A 224 14.80 9.67 -13.94
CA ASP A 224 15.62 10.84 -14.28
C ASP A 224 14.92 11.59 -15.41
N THR A 225 13.74 12.11 -15.08
CA THR A 225 12.87 12.83 -16.01
C THR A 225 13.51 13.92 -16.88
N GLN A 226 13.19 13.88 -18.17
CA GLN A 226 13.68 14.85 -19.12
C GLN A 226 12.51 15.74 -19.55
N ASP A 227 11.31 15.18 -19.56
CA ASP A 227 10.11 15.93 -19.93
C ASP A 227 8.84 15.30 -19.35
N TYR A 228 8.31 15.92 -18.30
CA TYR A 228 7.10 15.41 -17.65
C TYR A 228 5.88 15.45 -18.56
N MET A 229 5.87 16.37 -19.53
CA MET A 229 4.72 16.54 -20.41
C MET A 229 4.61 15.56 -21.57
N ALA A 230 5.57 14.65 -21.71
CA ALA A 230 5.53 13.71 -22.81
C ALA A 230 5.86 12.26 -22.44
N VAL A 231 5.07 11.34 -22.96
CA VAL A 231 5.32 9.92 -22.74
C VAL A 231 6.63 9.66 -23.48
N ASP A 232 7.50 8.84 -22.91
CA ASP A 232 8.76 8.55 -23.56
C ASP A 232 8.49 7.78 -24.86
N PRO A 233 9.16 8.16 -25.97
CA PRO A 233 9.02 7.53 -27.28
C PRO A 233 9.08 6.01 -27.26
N ALA A 234 9.90 5.45 -26.38
CA ALA A 234 10.05 4.00 -26.29
C ALA A 234 8.78 3.34 -25.78
N PHE A 235 7.93 4.12 -25.11
CA PHE A 235 6.68 3.59 -24.55
C PHE A 235 5.48 3.99 -25.41
N GLY A 236 5.69 4.93 -26.31
CA GLY A 236 4.63 5.40 -27.18
C GLY A 236 4.53 6.90 -27.08
N ASP A 237 3.39 7.48 -27.43
CA ASP A 237 3.21 8.92 -27.35
C ASP A 237 2.05 9.22 -26.41
N ASN A 238 1.68 10.49 -26.28
CA ASN A 238 0.61 10.88 -25.38
C ASN A 238 -0.75 10.36 -25.80
N SER A 239 -0.88 10.06 -27.09
CA SER A 239 -2.12 9.53 -27.63
C SER A 239 -2.26 8.09 -27.13
N THR A 240 -1.14 7.36 -27.15
CA THR A 240 -1.12 5.98 -26.69
C THR A 240 -1.59 5.92 -25.25
N LEU A 241 -1.16 6.88 -24.44
CA LEU A 241 -1.55 6.92 -23.04
C LEU A 241 -3.06 7.14 -22.89
N GLN A 242 -3.60 8.09 -23.65
CA GLN A 242 -5.02 8.38 -23.59
C GLN A 242 -5.85 7.13 -23.93
N THR A 243 -5.38 6.37 -24.91
CA THR A 243 -6.07 5.15 -25.34
C THR A 243 -5.98 4.09 -24.24
N LEU A 244 -4.80 3.95 -23.64
CA LEU A 244 -4.59 3.00 -22.57
C LEU A 244 -5.53 3.33 -21.42
N ILE A 245 -5.56 4.60 -21.04
CA ILE A 245 -6.41 5.06 -19.94
C ILE A 245 -7.88 4.77 -20.24
N ASN A 246 -8.29 4.95 -21.49
CA ASN A 246 -9.67 4.69 -21.86
C ASN A 246 -10.01 3.22 -21.69
N ASP A 247 -9.11 2.37 -22.17
CA ASP A 247 -9.29 0.94 -22.07
C ASP A 247 -9.22 0.44 -20.62
N ILE A 248 -8.52 1.18 -19.77
CA ILE A 248 -8.41 0.80 -18.36
C ILE A 248 -9.72 1.13 -17.64
N HIS A 249 -10.26 2.31 -17.94
CA HIS A 249 -11.50 2.77 -17.33
C HIS A 249 -12.70 2.04 -17.91
N SER A 250 -12.52 1.45 -19.08
CA SER A 250 -13.60 0.73 -19.75
C SER A 250 -14.04 -0.51 -18.99
N THR A 251 -15.33 -0.85 -19.13
CA THR A 251 -15.88 -2.02 -18.47
C THR A 251 -16.21 -3.09 -19.51
N ALA A 252 -15.80 -2.85 -20.75
CA ALA A 252 -16.05 -3.80 -21.83
C ALA A 252 -15.01 -4.91 -21.86
N ASN A 253 -13.85 -4.67 -21.25
CA ASN A 253 -12.79 -5.67 -21.22
C ASN A 253 -12.56 -6.19 -19.81
N GLY A 254 -13.55 -5.98 -18.95
CA GLY A 254 -13.45 -6.43 -17.57
C GLY A 254 -14.00 -5.38 -16.63
N PRO A 255 -13.78 -5.51 -15.31
CA PRO A 255 -14.29 -4.52 -14.37
C PRO A 255 -13.62 -3.17 -14.59
N LYS A 256 -14.32 -2.10 -14.19
CA LYS A 256 -13.78 -0.75 -14.33
C LYS A 256 -12.39 -0.73 -13.71
N GLY A 257 -11.45 -0.04 -14.36
CA GLY A 257 -10.10 0.02 -13.85
C GLY A 257 -9.66 1.41 -13.43
N TYR A 258 -8.50 1.47 -12.77
CA TYR A 258 -7.94 2.74 -12.29
C TYR A 258 -6.45 2.76 -12.61
N LEU A 259 -5.93 3.94 -12.92
CA LEU A 259 -4.51 4.06 -13.23
C LEU A 259 -3.79 5.01 -12.32
N ILE A 260 -2.72 4.53 -11.70
CA ILE A 260 -1.90 5.35 -10.82
C ILE A 260 -0.54 5.52 -11.49
N LEU A 261 -0.10 6.75 -11.64
CA LEU A 261 1.18 7.04 -12.27
C LEU A 261 2.23 7.36 -11.22
N ASP A 262 3.48 7.15 -11.59
CA ASP A 262 4.58 7.42 -10.68
C ASP A 262 4.98 8.88 -10.87
N GLY A 263 4.88 9.66 -9.80
CA GLY A 263 5.24 11.07 -9.83
C GLY A 263 6.61 11.29 -9.23
N VAL A 264 7.59 11.62 -10.07
CA VAL A 264 8.96 11.83 -9.62
C VAL A 264 9.15 13.33 -9.47
N PHE A 265 8.73 13.88 -8.33
CA PHE A 265 8.80 15.32 -8.11
C PHE A 265 9.88 15.89 -7.20
N ASN A 266 10.70 15.04 -6.60
CA ASN A 266 11.76 15.54 -5.71
C ASN A 266 12.94 16.04 -6.53
N HIS A 267 13.09 15.49 -7.73
CA HIS A 267 14.21 15.82 -8.60
C HIS A 267 13.87 15.52 -10.05
N THR A 268 14.70 16.04 -10.95
CA THR A 268 14.54 15.78 -12.39
C THR A 268 15.82 15.06 -12.80
N GLY A 269 15.88 14.65 -14.06
CA GLY A 269 17.09 14.02 -14.55
C GLY A 269 18.04 15.16 -14.88
N ASP A 270 19.33 14.88 -14.99
CA ASP A 270 20.29 15.94 -15.30
C ASP A 270 20.21 16.34 -16.77
N SER A 271 19.41 15.62 -17.55
CA SER A 271 19.26 15.91 -18.97
C SER A 271 17.98 16.69 -19.26
N HIS A 272 17.24 17.05 -18.22
CA HIS A 272 16.01 17.82 -18.38
C HIS A 272 16.44 19.22 -18.83
N PRO A 273 15.72 19.83 -19.78
CA PRO A 273 16.10 21.18 -20.22
C PRO A 273 16.23 22.26 -19.14
N TRP A 274 15.55 22.08 -18.00
CA TRP A 274 15.68 23.08 -16.94
C TRP A 274 17.09 23.05 -16.38
N PHE A 275 17.73 21.88 -16.48
CA PHE A 275 19.10 21.68 -15.99
C PHE A 275 20.07 21.62 -17.17
N ASP A 276 19.76 20.74 -18.12
CA ASP A 276 20.52 20.54 -19.35
C ASP A 276 22.02 20.42 -19.20
N LYS A 277 22.46 19.45 -18.41
CA LYS A 277 23.88 19.23 -18.14
C LYS A 277 24.72 18.90 -19.37
N TYR A 278 24.13 18.21 -20.35
CA TYR A 278 24.86 17.83 -21.56
C TYR A 278 24.50 18.66 -22.79
N ASN A 279 23.80 19.77 -22.57
CA ASN A 279 23.38 20.67 -23.63
C ASN A 279 22.65 19.95 -24.76
N ASN A 280 21.54 19.30 -24.44
CA ASN A 280 20.75 18.59 -25.43
C ASN A 280 19.69 19.50 -26.02
N PHE A 281 19.63 20.73 -25.54
CA PHE A 281 18.65 21.70 -26.01
C PHE A 281 19.25 23.08 -26.27
N SER A 282 18.71 23.80 -27.24
CA SER A 282 19.23 25.13 -27.56
C SER A 282 19.05 26.06 -26.36
N SER A 283 18.04 25.80 -25.54
CA SER A 283 17.79 26.63 -24.36
C SER A 283 18.91 26.50 -23.32
N GLN A 284 19.00 27.49 -22.45
CA GLN A 284 20.03 27.50 -21.41
C GLN A 284 19.51 26.94 -20.09
N GLY A 285 20.01 25.76 -19.71
CA GLY A 285 19.58 25.15 -18.46
C GLY A 285 20.37 25.68 -17.28
N ALA A 286 19.87 25.43 -16.07
CA ALA A 286 20.51 25.90 -14.83
C ALA A 286 21.99 25.57 -14.77
N TYR A 287 22.34 24.36 -15.17
CA TYR A 287 23.73 23.90 -15.17
C TYR A 287 24.58 24.70 -16.16
N GLU A 288 23.97 25.12 -17.26
CA GLU A 288 24.68 25.87 -18.28
C GLU A 288 24.88 27.35 -18.03
N SER A 289 23.94 27.99 -17.34
CA SER A 289 24.06 29.42 -17.08
C SER A 289 23.32 29.88 -15.83
N GLN A 290 23.98 30.73 -15.03
CA GLN A 290 23.37 31.24 -13.81
C GLN A 290 22.31 32.28 -14.16
N SER A 291 22.18 32.56 -15.46
CA SER A 291 21.19 33.51 -15.96
C SER A 291 20.01 32.71 -16.51
N SER A 292 20.12 31.39 -16.46
CA SER A 292 19.07 30.51 -16.94
C SER A 292 17.74 30.86 -16.30
N PRO A 293 16.64 30.82 -17.07
CA PRO A 293 15.34 31.15 -16.51
C PRO A 293 14.89 30.12 -15.47
N TRP A 294 15.56 28.97 -15.43
CA TRP A 294 15.23 27.92 -14.46
C TRP A 294 16.34 27.72 -13.45
N TYR A 295 17.29 28.66 -13.41
CA TYR A 295 18.41 28.54 -12.48
C TYR A 295 18.00 28.27 -11.05
N ASN A 296 17.01 29.00 -10.56
CA ASN A 296 16.56 28.82 -9.19
C ASN A 296 15.65 27.61 -8.95
N TYR A 297 15.52 26.75 -9.96
CA TYR A 297 14.72 25.54 -9.82
C TYR A 297 15.58 24.52 -9.09
N TYR A 298 16.89 24.80 -9.03
CA TYR A 298 17.82 23.90 -8.36
C TYR A 298 18.67 24.64 -7.33
N THR A 299 19.50 23.89 -6.62
CA THR A 299 20.35 24.47 -5.58
C THR A 299 21.80 24.07 -5.80
N PHE A 300 22.66 25.06 -6.05
CA PHE A 300 24.07 24.79 -6.28
C PHE A 300 24.90 25.19 -5.07
N TYR A 301 25.80 24.31 -4.66
CA TYR A 301 26.68 24.60 -3.54
C TYR A 301 27.89 25.27 -4.19
N THR A 302 28.29 24.73 -5.33
CA THR A 302 29.41 25.27 -6.11
C THR A 302 29.00 25.18 -7.57
N TRP A 303 28.42 26.24 -8.12
CA TRP A 303 27.99 26.20 -9.51
C TRP A 303 29.18 25.94 -10.42
N PRO A 304 29.03 25.00 -11.38
CA PRO A 304 27.83 24.20 -11.65
C PRO A 304 28.00 22.72 -11.25
N ASP A 305 29.21 22.35 -10.88
CA ASP A 305 29.55 20.98 -10.53
C ASP A 305 28.92 20.37 -9.29
N SER A 306 28.80 21.15 -8.21
CA SER A 306 28.23 20.63 -6.97
C SER A 306 26.84 21.16 -6.68
N TYR A 307 25.87 20.24 -6.62
CA TYR A 307 24.48 20.63 -6.37
C TYR A 307 23.68 19.59 -5.61
N ALA A 308 22.58 20.03 -5.01
CA ALA A 308 21.70 19.15 -4.26
C ALA A 308 21.10 18.12 -5.21
N SER A 309 20.99 16.88 -4.75
CA SER A 309 20.47 15.80 -5.59
C SER A 309 19.85 14.70 -4.76
N PHE A 310 19.32 13.69 -5.45
CA PHE A 310 18.73 12.56 -4.74
C PHE A 310 19.89 11.66 -4.30
N LEU A 311 20.03 11.54 -2.98
CA LEU A 311 21.07 10.70 -2.38
C LEU A 311 22.45 10.76 -3.02
N GLY A 312 22.87 11.96 -3.42
CA GLY A 312 24.19 12.09 -4.02
C GLY A 312 24.34 11.69 -5.47
N PHE A 313 23.24 11.35 -6.13
CA PHE A 313 23.30 10.99 -7.55
C PHE A 313 23.27 12.26 -8.38
N ASN A 314 24.42 12.61 -8.97
CA ASN A 314 24.53 13.80 -9.81
C ASN A 314 23.56 13.78 -10.98
N SER A 315 23.11 12.59 -11.37
CA SER A 315 22.18 12.48 -12.49
C SER A 315 20.77 12.86 -12.06
N LEU A 316 20.58 13.13 -10.77
CA LEU A 316 19.28 13.48 -10.25
C LEU A 316 19.25 14.79 -9.46
N PRO A 317 19.44 15.93 -10.15
CA PRO A 317 19.43 17.23 -9.46
C PRO A 317 18.10 17.48 -8.72
N LYS A 318 18.20 17.85 -7.44
CA LYS A 318 17.05 18.10 -6.58
C LYS A 318 16.34 19.43 -6.83
N LEU A 319 15.02 19.37 -6.98
CA LEU A 319 14.20 20.54 -7.23
C LEU A 319 14.03 21.44 -6.00
N ASN A 320 14.19 22.74 -6.19
CA ASN A 320 14.03 23.68 -5.10
C ASN A 320 12.59 24.18 -5.06
N TYR A 321 11.83 23.74 -4.08
CA TYR A 321 10.44 24.14 -3.98
C TYR A 321 10.18 25.55 -3.45
N GLY A 322 11.21 26.18 -2.91
CA GLY A 322 11.06 27.53 -2.39
C GLY A 322 9.91 27.67 -1.43
N ASN A 323 9.25 28.84 -1.45
CA ASN A 323 8.11 29.12 -0.60
C ASN A 323 6.80 28.95 -1.36
N SER A 324 5.68 28.95 -0.63
CA SER A 324 4.38 28.81 -1.26
C SER A 324 4.26 29.78 -2.42
N GLY A 325 3.65 29.31 -3.51
CA GLY A 325 3.47 30.16 -4.68
C GLY A 325 4.66 30.20 -5.62
N SER A 326 5.71 29.45 -5.30
CA SER A 326 6.91 29.44 -6.14
C SER A 326 6.66 28.88 -7.54
N ALA A 327 7.60 29.14 -8.45
CA ALA A 327 7.50 28.65 -9.81
C ALA A 327 7.55 27.12 -9.82
N VAL A 328 8.38 26.54 -8.96
CA VAL A 328 8.50 25.08 -8.89
C VAL A 328 7.23 24.42 -8.36
N ARG A 329 6.63 24.99 -7.32
CA ARG A 329 5.39 24.41 -6.81
C ARG A 329 4.34 24.53 -7.91
N GLY A 330 4.48 25.57 -8.71
CA GLY A 330 3.54 25.81 -9.81
C GLY A 330 3.61 24.77 -10.92
N VAL A 331 4.80 24.46 -11.41
CA VAL A 331 4.93 23.48 -12.50
C VAL A 331 4.70 22.04 -12.04
N ILE A 332 4.85 21.79 -10.74
CA ILE A 332 4.64 20.44 -10.23
C ILE A 332 3.18 20.16 -9.87
N TYR A 333 2.53 21.06 -9.12
CA TYR A 333 1.14 20.81 -8.74
C TYR A 333 0.15 21.97 -8.72
N ASN A 334 0.58 23.21 -8.51
CA ASN A 334 -0.38 24.31 -8.47
C ASN A 334 -1.01 24.71 -9.82
N ASN A 335 -0.19 24.79 -10.87
CA ASN A 335 -0.69 25.19 -12.18
C ASN A 335 -1.65 24.19 -12.79
N SER A 336 -2.63 24.70 -13.53
CA SER A 336 -3.59 23.84 -14.21
C SER A 336 -2.79 22.97 -15.18
N ASN A 337 -1.72 23.53 -15.72
CA ASN A 337 -0.88 22.80 -16.66
C ASN A 337 0.35 22.19 -16.01
N SER A 338 0.27 22.00 -14.69
CA SER A 338 1.38 21.38 -13.94
C SER A 338 1.40 19.89 -14.28
N VAL A 339 2.44 19.19 -13.82
CA VAL A 339 2.52 17.77 -14.06
C VAL A 339 1.34 17.05 -13.40
N ALA A 340 1.12 17.35 -12.13
CA ALA A 340 0.05 16.73 -11.37
C ALA A 340 -1.35 16.97 -11.92
N LYS A 341 -1.69 18.20 -12.24
CA LYS A 341 -3.02 18.49 -12.75
C LYS A 341 -3.23 18.11 -14.21
N THR A 342 -2.19 18.20 -15.02
CA THR A 342 -2.32 17.85 -16.43
C THR A 342 -2.89 16.45 -16.61
N TYR A 343 -2.26 15.47 -15.96
CA TYR A 343 -2.71 14.09 -16.09
C TYR A 343 -3.99 13.73 -15.33
N LEU A 344 -4.35 14.53 -14.33
CA LEU A 344 -5.57 14.28 -13.57
C LEU A 344 -6.78 14.87 -14.30
N ASN A 345 -6.53 15.88 -15.12
CA ASN A 345 -7.59 16.53 -15.88
C ASN A 345 -7.72 15.87 -17.25
N PRO A 346 -8.88 16.05 -17.91
CA PRO A 346 -9.02 15.43 -19.22
C PRO A 346 -8.03 16.10 -20.18
N PRO A 347 -7.68 15.43 -21.28
CA PRO A 347 -8.12 14.11 -21.75
C PRO A 347 -7.40 12.91 -21.13
N TYR A 348 -6.76 13.09 -19.98
CA TYR A 348 -6.07 11.98 -19.35
C TYR A 348 -6.89 11.41 -18.21
N SER A 349 -7.20 12.24 -17.23
CA SER A 349 -7.99 11.81 -16.10
C SER A 349 -7.48 10.53 -15.43
N VAL A 350 -6.18 10.50 -15.09
CA VAL A 350 -5.64 9.32 -14.41
C VAL A 350 -6.26 9.32 -13.01
N ASP A 351 -6.04 8.26 -12.24
CA ASP A 351 -6.66 8.18 -10.92
C ASP A 351 -5.81 8.34 -9.69
N GLY A 352 -4.52 8.63 -9.87
CA GLY A 352 -3.68 8.79 -8.70
C GLY A 352 -2.21 8.96 -9.00
N TRP A 353 -1.46 9.29 -7.95
CA TRP A 353 -0.03 9.48 -8.04
C TRP A 353 0.70 8.74 -6.92
N ARG A 354 1.77 8.04 -7.28
CA ARG A 354 2.60 7.36 -6.30
C ARG A 354 3.76 8.37 -6.20
N LEU A 355 3.98 8.94 -5.02
CA LEU A 355 5.00 9.95 -4.82
C LEU A 355 6.41 9.45 -4.59
N ASN A 356 7.24 9.51 -5.63
CA ASN A 356 8.62 9.06 -5.53
C ASN A 356 9.45 9.93 -4.57
N ALA A 357 10.28 9.27 -3.76
CA ALA A 357 11.18 9.94 -2.81
C ALA A 357 10.50 11.11 -2.11
N ALA A 358 9.25 10.91 -1.72
CA ALA A 358 8.43 11.93 -1.09
C ALA A 358 8.96 12.61 0.17
N GLN A 359 9.71 11.86 0.98
CA GLN A 359 10.23 12.42 2.22
C GLN A 359 11.24 13.54 2.02
N TYR A 360 11.93 13.53 0.87
CA TYR A 360 12.97 14.51 0.57
C TYR A 360 12.54 15.84 -0.02
N VAL A 361 11.36 15.89 -0.64
CA VAL A 361 10.86 17.12 -1.24
C VAL A 361 11.02 18.27 -0.25
N ASP A 362 11.65 19.35 -0.70
CA ASP A 362 11.90 20.47 0.19
C ASP A 362 12.37 21.68 -0.60
N ALA A 363 12.67 22.75 0.12
CA ALA A 363 13.18 23.97 -0.49
C ALA A 363 14.64 24.16 -0.13
N ASN A 364 15.34 24.93 -0.95
CA ASN A 364 16.75 25.26 -0.73
C ASN A 364 17.76 24.12 -0.58
N GLY A 365 17.41 22.95 -1.10
CA GLY A 365 18.32 21.83 -1.03
C GLY A 365 18.28 21.02 0.26
N ASN A 366 17.41 21.38 1.19
CA ASN A 366 17.31 20.64 2.44
C ASN A 366 16.77 19.23 2.18
N ASN A 367 16.92 18.33 3.15
CA ASN A 367 16.50 16.95 2.98
C ASN A 367 15.09 16.52 3.32
N GLY A 368 14.19 17.48 3.52
CA GLY A 368 12.81 17.12 3.81
C GLY A 368 12.55 16.60 5.22
N SER A 369 11.47 15.83 5.37
CA SER A 369 11.09 15.30 6.68
C SER A 369 11.10 16.44 7.69
N ASP A 370 10.59 17.60 7.25
CA ASP A 370 10.54 18.80 8.08
C ASP A 370 9.24 19.54 7.81
N VAL A 371 9.05 20.67 8.47
CA VAL A 371 7.85 21.47 8.31
C VAL A 371 7.56 21.83 6.85
N THR A 372 8.58 22.29 6.14
CA THR A 372 8.41 22.68 4.75
C THR A 372 7.93 21.52 3.88
N ASN A 373 8.54 20.35 4.05
CA ASN A 373 8.16 19.16 3.30
C ASN A 373 6.67 18.87 3.51
N HIS A 374 6.23 18.90 4.76
CA HIS A 374 4.84 18.61 5.05
C HIS A 374 3.89 19.68 4.53
N GLN A 375 4.32 20.93 4.51
CA GLN A 375 3.47 22.01 3.99
C GLN A 375 3.27 21.76 2.50
N ILE A 376 4.34 21.37 1.82
CA ILE A 376 4.28 21.10 0.39
C ILE A 376 3.31 19.97 0.07
N TRP A 377 3.36 18.88 0.83
CA TRP A 377 2.43 17.78 0.56
C TRP A 377 1.00 18.14 0.94
N SER A 378 0.84 19.10 1.84
CA SER A 378 -0.49 19.57 2.24
C SER A 378 -1.08 20.35 1.07
N GLU A 379 -0.27 21.22 0.48
CA GLU A 379 -0.72 22.02 -0.66
C GLU A 379 -0.93 21.08 -1.83
N PHE A 380 -0.11 20.04 -1.91
CA PHE A 380 -0.23 19.07 -2.98
C PHE A 380 -1.59 18.37 -2.91
N ARG A 381 -2.00 17.98 -1.71
CA ARG A 381 -3.28 17.29 -1.55
C ARG A 381 -4.41 18.22 -2.00
N ASN A 382 -4.36 19.48 -1.59
CA ASN A 382 -5.40 20.44 -1.98
C ASN A 382 -5.51 20.57 -3.49
N ALA A 383 -4.36 20.65 -4.16
CA ALA A 383 -4.33 20.77 -5.62
C ALA A 383 -4.95 19.54 -6.28
N VAL A 384 -4.48 18.36 -5.90
CA VAL A 384 -4.96 17.10 -6.45
C VAL A 384 -6.44 16.83 -6.17
N LYS A 385 -6.82 16.87 -4.90
CA LYS A 385 -8.20 16.62 -4.51
C LYS A 385 -9.15 17.68 -5.10
N GLY A 386 -8.60 18.86 -5.37
CA GLY A 386 -9.40 19.93 -5.94
C GLY A 386 -9.81 19.59 -7.36
N VAL A 387 -8.94 18.87 -8.06
CA VAL A 387 -9.21 18.46 -9.43
C VAL A 387 -10.07 17.20 -9.43
N ASN A 388 -9.74 16.28 -8.52
CA ASN A 388 -10.47 15.02 -8.42
C ASN A 388 -10.37 14.48 -6.99
N SER A 389 -11.43 14.67 -6.21
CA SER A 389 -11.46 14.20 -4.83
C SER A 389 -11.24 12.68 -4.72
N ASN A 390 -11.41 11.97 -5.82
CA ASN A 390 -11.23 10.52 -5.82
C ASN A 390 -9.91 10.06 -6.43
N ALA A 391 -8.96 10.99 -6.54
CA ALA A 391 -7.65 10.68 -7.07
C ALA A 391 -6.81 10.27 -5.85
N ALA A 392 -6.13 9.13 -5.95
CA ALA A 392 -5.31 8.62 -4.87
C ALA A 392 -3.92 9.24 -4.77
N ILE A 393 -3.45 9.39 -3.54
CA ILE A 393 -2.12 9.92 -3.29
C ILE A 393 -1.39 8.96 -2.37
N ILE A 394 -0.43 8.23 -2.93
CA ILE A 394 0.34 7.25 -2.16
C ILE A 394 1.82 7.62 -2.15
N GLY A 395 2.36 7.91 -0.97
CA GLY A 395 3.75 8.30 -0.90
C GLY A 395 4.74 7.18 -0.67
N GLN A 396 5.93 7.29 -1.24
CA GLN A 396 6.94 6.28 -1.01
C GLN A 396 7.62 6.59 0.31
N TYR A 397 7.72 5.59 1.17
CA TYR A 397 8.36 5.74 2.47
C TYR A 397 8.64 4.34 3.00
N TRP A 398 9.84 4.14 3.55
CA TRP A 398 10.23 2.84 4.06
C TRP A 398 9.87 2.52 5.51
N GLY A 399 9.62 3.55 6.31
CA GLY A 399 9.27 3.31 7.70
C GLY A 399 7.83 3.67 8.07
N ASN A 400 7.66 4.23 9.26
CA ASN A 400 6.35 4.64 9.77
C ASN A 400 5.98 5.97 9.12
N ALA A 401 5.04 5.93 8.17
CA ALA A 401 4.64 7.14 7.44
C ALA A 401 3.56 7.96 8.13
N ASN A 402 3.42 7.76 9.44
CA ASN A 402 2.43 8.49 10.22
C ASN A 402 2.50 10.01 10.00
N PRO A 403 3.72 10.58 9.90
CA PRO A 403 3.86 12.03 9.71
C PRO A 403 3.23 12.62 8.43
N TRP A 404 3.01 11.78 7.42
CA TRP A 404 2.42 12.22 6.15
C TRP A 404 1.00 11.69 5.95
N THR A 405 0.44 11.06 6.99
CA THR A 405 -0.90 10.50 6.87
C THR A 405 -1.86 10.78 8.03
N ALA A 406 -1.35 10.72 9.25
CA ALA A 406 -2.17 10.87 10.45
C ALA A 406 -2.85 12.20 10.79
N GLN A 407 -2.73 13.20 9.91
CA GLN A 407 -3.41 14.46 10.15
C GLN A 407 -4.42 14.70 9.03
N GLY A 408 -4.54 13.71 8.16
CA GLY A 408 -5.49 13.75 7.05
C GLY A 408 -5.33 14.90 6.07
N ASN A 409 -4.17 15.55 6.07
CA ASN A 409 -3.97 16.67 5.17
C ASN A 409 -2.88 16.47 4.13
N GLN A 410 -2.34 15.25 4.03
CA GLN A 410 -1.29 14.99 3.05
C GLN A 410 -1.57 13.77 2.16
N TRP A 411 -0.97 12.62 2.47
CA TRP A 411 -1.21 11.43 1.63
C TRP A 411 -2.39 10.61 2.11
N ASP A 412 -2.93 9.78 1.22
CA ASP A 412 -4.01 8.88 1.57
C ASP A 412 -3.40 7.61 2.16
N ALA A 413 -2.20 7.27 1.68
CA ALA A 413 -1.50 6.08 2.15
C ALA A 413 -0.03 6.09 1.75
N ALA A 414 0.65 4.97 1.96
CA ALA A 414 2.06 4.86 1.63
C ALA A 414 2.47 3.45 1.23
N THR A 415 3.67 3.34 0.68
CA THR A 415 4.24 2.05 0.31
C THR A 415 4.42 1.39 1.67
N ASN A 416 3.73 0.27 1.90
CA ASN A 416 3.81 -0.39 3.19
C ASN A 416 4.99 -1.33 3.45
N PHE A 417 6.21 -0.84 3.31
CA PHE A 417 7.39 -1.68 3.57
C PHE A 417 7.43 -2.17 5.02
N ASP A 418 7.29 -1.22 5.94
CA ASP A 418 7.35 -1.48 7.37
C ASP A 418 6.16 -2.23 7.97
N GLY A 419 4.97 -2.06 7.40
CA GLY A 419 3.81 -2.73 7.95
C GLY A 419 3.35 -3.98 7.24
N PHE A 420 3.98 -4.29 6.11
CA PHE A 420 3.59 -5.46 5.32
C PHE A 420 4.78 -6.22 4.74
N THR A 421 5.44 -5.62 3.76
CA THR A 421 6.56 -6.26 3.07
C THR A 421 7.62 -6.87 3.95
N GLN A 422 8.14 -6.10 4.90
CA GLN A 422 9.19 -6.60 5.78
C GLN A 422 8.72 -7.71 6.71
N PRO A 423 7.65 -7.48 7.50
CA PRO A 423 7.17 -8.51 8.42
C PRO A 423 6.79 -9.82 7.73
N VAL A 424 6.16 -9.73 6.56
CA VAL A 424 5.76 -10.91 5.81
C VAL A 424 7.00 -11.68 5.32
N SER A 425 8.02 -10.94 4.91
CA SER A 425 9.25 -11.55 4.40
C SER A 425 9.97 -12.33 5.50
N GLU A 426 10.17 -11.68 6.64
CA GLU A 426 10.87 -12.31 7.76
C GLU A 426 10.12 -13.49 8.37
N TRP A 427 8.80 -13.45 8.37
CA TRP A 427 8.02 -14.54 8.95
C TRP A 427 8.04 -15.77 8.05
N ILE A 428 7.79 -15.56 6.76
CA ILE A 428 7.73 -16.66 5.80
C ILE A 428 9.07 -17.14 5.21
N THR A 429 9.98 -16.20 4.92
CA THR A 429 11.25 -16.57 4.32
C THR A 429 12.47 -16.51 5.22
N GLY A 430 12.30 -16.01 6.44
CA GLY A 430 13.44 -15.90 7.34
C GLY A 430 14.46 -14.88 6.87
N LYS A 431 14.07 -14.09 5.87
CA LYS A 431 14.93 -13.05 5.31
C LYS A 431 14.18 -11.72 5.32
N ASP A 432 14.93 -10.62 5.22
CA ASP A 432 14.29 -9.31 5.15
C ASP A 432 14.17 -9.06 3.65
N TYR A 433 13.52 -7.97 3.23
CA TYR A 433 13.37 -7.75 1.80
C TYR A 433 14.66 -7.52 1.04
N GLN A 434 15.78 -7.41 1.76
CA GLN A 434 17.08 -7.23 1.13
C GLN A 434 17.72 -8.60 0.92
N ASN A 435 17.06 -9.62 1.45
CA ASN A 435 17.48 -11.02 1.38
C ASN A 435 18.59 -11.35 2.38
N ASN A 436 18.54 -10.72 3.55
CA ASN A 436 19.52 -10.97 4.60
C ASN A 436 18.82 -11.72 5.72
N SER A 437 19.51 -12.70 6.30
CA SER A 437 18.93 -13.49 7.39
C SER A 437 18.22 -12.59 8.38
N ALA A 438 16.93 -12.81 8.54
CA ALA A 438 16.10 -12.04 9.46
C ALA A 438 14.80 -12.81 9.63
N SER A 439 14.68 -13.52 10.74
CA SER A 439 13.49 -14.31 11.00
C SER A 439 12.73 -13.92 12.25
N ILE A 440 11.41 -14.06 12.19
CA ILE A 440 10.55 -13.73 13.33
C ILE A 440 9.55 -14.86 13.53
N SER A 441 9.11 -15.03 14.77
CA SER A 441 8.14 -16.06 15.09
C SER A 441 6.74 -15.55 14.82
N THR A 442 5.75 -16.42 14.96
CA THR A 442 4.36 -16.05 14.72
C THR A 442 3.87 -14.98 15.70
N THR A 443 4.19 -15.13 16.98
CA THR A 443 3.77 -14.14 17.97
C THR A 443 4.38 -12.78 17.68
N GLN A 444 5.60 -12.78 17.16
CA GLN A 444 6.29 -11.54 16.82
C GLN A 444 5.67 -10.93 15.57
N PHE A 445 5.40 -11.79 14.59
CA PHE A 445 4.78 -11.37 13.33
C PHE A 445 3.49 -10.62 13.68
N ASP A 446 2.62 -11.28 14.43
CA ASP A 446 1.35 -10.69 14.84
C ASP A 446 1.50 -9.37 15.59
N SER A 447 2.48 -9.31 16.49
CA SER A 447 2.72 -8.10 17.27
C SER A 447 3.19 -6.97 16.33
N TRP A 448 4.08 -7.33 15.43
CA TRP A 448 4.64 -6.40 14.45
C TRP A 448 3.50 -5.77 13.62
N LEU A 449 2.63 -6.64 13.09
CA LEU A 449 1.50 -6.20 12.27
C LEU A 449 0.56 -5.28 13.02
N ARG A 450 0.26 -5.59 14.28
CA ARG A 450 -0.64 -4.77 15.08
C ARG A 450 -0.03 -3.40 15.33
N GLY A 451 1.25 -3.41 15.72
CA GLY A 451 1.94 -2.18 16.00
C GLY A 451 2.04 -1.25 14.80
N THR A 452 2.16 -1.82 13.60
CA THR A 452 2.27 -0.99 12.42
C THR A 452 0.91 -0.50 11.93
N ARG A 453 -0.14 -1.31 12.09
CA ARG A 453 -1.47 -0.84 11.70
C ARG A 453 -1.83 0.31 12.64
N ALA A 454 -1.44 0.18 13.91
CA ALA A 454 -1.74 1.21 14.91
C ALA A 454 -1.07 2.54 14.60
N ASN A 455 -0.10 2.54 13.69
CA ASN A 455 0.59 3.78 13.31
C ASN A 455 -0.31 4.62 12.43
N TYR A 456 -1.39 4.03 11.91
CA TYR A 456 -2.23 4.76 10.98
C TYR A 456 -3.74 4.82 11.23
N PRO A 457 -4.39 5.87 10.71
CA PRO A 457 -5.83 6.04 10.87
C PRO A 457 -6.39 4.82 10.12
N THR A 458 -7.61 4.39 10.45
CA THR A 458 -8.17 3.21 9.79
C THR A 458 -8.29 3.30 8.27
N ASN A 459 -8.83 4.41 7.76
CA ASN A 459 -8.98 4.53 6.31
C ASN A 459 -7.63 4.48 5.61
N VAL A 460 -6.57 4.95 6.28
CA VAL A 460 -5.23 4.90 5.71
C VAL A 460 -4.77 3.45 5.69
N GLN A 461 -4.98 2.73 6.79
CA GLN A 461 -4.61 1.32 6.87
C GLN A 461 -5.16 0.55 5.69
N GLN A 462 -6.46 0.72 5.45
CA GLN A 462 -7.17 0.05 4.37
C GLN A 462 -6.71 0.44 2.97
N SER A 463 -5.94 1.52 2.88
CA SER A 463 -5.45 2.02 1.59
C SER A 463 -3.95 1.84 1.38
N MET A 464 -3.27 1.23 2.34
CA MET A 464 -1.83 1.03 2.21
C MET A 464 -1.47 0.13 1.03
N MET A 465 -0.37 0.44 0.37
CA MET A 465 0.07 -0.37 -0.77
C MET A 465 0.84 -1.58 -0.23
N ASN A 466 0.19 -2.74 -0.21
CA ASN A 466 0.81 -3.96 0.32
C ASN A 466 1.31 -4.90 -0.77
N PHE A 467 2.61 -4.81 -1.06
CA PHE A 467 3.25 -5.65 -2.07
C PHE A 467 4.24 -6.62 -1.45
N LEU A 468 4.45 -7.77 -2.08
CA LEU A 468 5.40 -8.77 -1.59
C LEU A 468 6.80 -8.36 -2.03
N SER A 469 6.88 -7.76 -3.21
CA SER A 469 8.15 -7.30 -3.78
C SER A 469 7.85 -6.06 -4.61
N ASN A 470 8.91 -5.39 -5.08
CA ASN A 470 8.76 -4.21 -5.92
C ASN A 470 10.11 -3.91 -6.58
N HIS A 471 10.16 -2.87 -7.41
CA HIS A 471 11.38 -2.51 -8.13
C HIS A 471 12.62 -2.15 -7.33
N ASP A 472 12.49 -1.99 -6.02
CA ASP A 472 13.65 -1.64 -5.20
C ASP A 472 14.14 -2.71 -4.24
N ILE A 473 13.51 -3.88 -4.25
CA ILE A 473 13.93 -4.95 -3.35
C ILE A 473 14.02 -6.27 -4.09
N THR A 474 14.56 -7.29 -3.42
CA THR A 474 14.69 -8.61 -4.03
C THR A 474 13.34 -9.27 -4.16
N ARG A 475 13.18 -10.09 -5.19
CA ARG A 475 11.93 -10.81 -5.45
C ARG A 475 11.62 -11.76 -4.30
N PHE A 476 10.34 -11.84 -3.96
CA PHE A 476 9.90 -12.72 -2.88
C PHE A 476 10.30 -14.16 -3.23
N ALA A 477 10.12 -14.54 -4.49
CA ALA A 477 10.44 -15.87 -4.96
C ALA A 477 11.91 -16.23 -4.74
N THR A 478 12.78 -15.21 -4.75
CA THR A 478 14.20 -15.43 -4.53
C THR A 478 14.47 -15.56 -3.03
N ARG A 479 13.84 -14.70 -2.24
CA ARG A 479 13.99 -14.75 -0.79
C ARG A 479 13.42 -16.07 -0.27
N SER A 480 12.48 -16.62 -1.03
CA SER A 480 11.83 -17.89 -0.67
C SER A 480 12.68 -19.10 -1.03
N GLY A 481 13.69 -18.88 -1.86
CA GLY A 481 14.55 -19.97 -2.27
C GLY A 481 13.95 -20.76 -3.42
N GLY A 482 13.05 -20.14 -4.16
CA GLY A 482 12.42 -20.81 -5.28
C GLY A 482 11.29 -21.73 -4.86
N ASP A 483 10.95 -21.70 -3.57
CA ASP A 483 9.87 -22.54 -3.05
C ASP A 483 8.51 -21.89 -3.27
N LEU A 484 7.74 -22.43 -4.21
CA LEU A 484 6.43 -21.89 -4.52
C LEU A 484 5.43 -21.85 -3.38
N TRP A 485 5.48 -22.82 -2.48
CA TRP A 485 4.54 -22.85 -1.36
C TRP A 485 4.65 -21.60 -0.49
N LYS A 486 5.85 -21.07 -0.32
CA LYS A 486 6.02 -19.87 0.47
C LYS A 486 5.29 -18.71 -0.22
N THR A 487 5.24 -18.74 -1.55
CA THR A 487 4.55 -17.70 -2.30
C THR A 487 3.05 -17.89 -2.15
N TYR A 488 2.61 -19.16 -2.10
CA TYR A 488 1.20 -19.46 -1.91
C TYR A 488 0.75 -18.84 -0.59
N LEU A 489 1.51 -19.12 0.46
CA LEU A 489 1.20 -18.60 1.80
C LEU A 489 1.19 -17.08 1.82
N ALA A 490 2.20 -16.47 1.18
CA ALA A 490 2.30 -15.02 1.13
C ALA A 490 1.09 -14.41 0.43
N LEU A 491 0.70 -14.99 -0.70
CA LEU A 491 -0.46 -14.52 -1.46
C LEU A 491 -1.75 -14.61 -0.65
N ILE A 492 -1.94 -15.73 0.05
CA ILE A 492 -3.14 -15.91 0.85
C ILE A 492 -3.22 -14.84 1.94
N PHE A 493 -2.10 -14.56 2.60
CA PHE A 493 -2.08 -13.54 3.64
C PHE A 493 -2.34 -12.18 2.98
N GLN A 494 -1.60 -11.90 1.90
CA GLN A 494 -1.73 -10.64 1.19
C GLN A 494 -3.17 -10.34 0.80
N MET A 495 -3.83 -11.32 0.18
CA MET A 495 -5.20 -11.15 -0.28
C MET A 495 -6.29 -11.12 0.77
N THR A 496 -5.93 -11.36 2.03
CA THR A 496 -6.92 -11.34 3.11
C THR A 496 -6.56 -10.39 4.23
N TYR A 497 -5.52 -9.57 4.02
CA TYR A 497 -5.09 -8.61 5.03
C TYR A 497 -5.69 -7.22 4.85
N VAL A 498 -5.34 -6.30 5.76
CA VAL A 498 -5.83 -4.92 5.74
C VAL A 498 -4.91 -4.09 4.85
N GLY A 499 -5.47 -3.46 3.82
CA GLY A 499 -4.66 -2.68 2.91
C GLY A 499 -4.82 -3.20 1.49
N THR A 500 -4.45 -2.39 0.50
CA THR A 500 -4.57 -2.74 -0.90
C THR A 500 -3.57 -3.80 -1.38
N PRO A 501 -4.06 -5.02 -1.69
CA PRO A 501 -3.10 -6.03 -2.16
C PRO A 501 -2.49 -5.47 -3.44
N THR A 502 -1.16 -5.46 -3.51
CA THR A 502 -0.48 -4.93 -4.67
C THR A 502 0.48 -6.00 -5.20
N ILE A 503 0.23 -6.39 -6.44
CA ILE A 503 1.02 -7.43 -7.10
C ILE A 503 2.10 -6.90 -8.02
N TYR A 504 3.36 -7.08 -7.62
CA TYR A 504 4.46 -6.61 -8.46
C TYR A 504 4.57 -7.61 -9.63
N TYR A 505 4.26 -7.13 -10.83
CA TYR A 505 4.25 -7.95 -12.05
C TYR A 505 5.25 -9.10 -12.04
N GLY A 506 4.73 -10.32 -12.22
CA GLY A 506 5.58 -11.49 -12.23
C GLY A 506 5.45 -12.28 -10.93
N ASP A 507 5.24 -11.56 -9.84
CA ASP A 507 5.10 -12.19 -8.53
C ASP A 507 3.92 -13.17 -8.51
N GLU A 508 2.92 -12.94 -9.36
CA GLU A 508 1.76 -13.81 -9.38
C GLU A 508 2.08 -15.21 -9.89
N TYR A 509 3.19 -15.36 -10.60
CA TYR A 509 3.55 -16.69 -11.09
C TYR A 509 4.87 -17.17 -10.49
N GLY A 510 5.39 -16.40 -9.54
CA GLY A 510 6.62 -16.77 -8.87
C GLY A 510 7.91 -16.33 -9.55
N MET A 511 7.86 -15.24 -10.31
CA MET A 511 9.06 -14.76 -10.98
C MET A 511 10.14 -14.49 -9.94
N GLN A 512 11.37 -14.94 -10.23
CA GLN A 512 12.48 -14.72 -9.32
C GLN A 512 13.28 -13.49 -9.74
N GLY A 513 14.30 -13.15 -8.95
CA GLY A 513 15.13 -12.01 -9.26
C GLY A 513 15.78 -11.43 -8.01
N GLY A 514 17.04 -11.02 -8.15
CA GLY A 514 17.74 -10.46 -7.01
C GLY A 514 17.55 -8.95 -6.89
N ALA A 515 18.57 -8.27 -6.40
CA ALA A 515 18.51 -6.82 -6.24
C ALA A 515 18.62 -6.08 -7.57
N ASP A 516 18.19 -4.82 -7.56
CA ASP A 516 18.22 -3.94 -8.73
C ASP A 516 19.51 -4.16 -9.53
N PRO A 517 19.40 -4.37 -10.85
CA PRO A 517 18.22 -4.40 -11.71
C PRO A 517 17.64 -5.79 -11.98
N ASP A 518 18.14 -6.80 -11.28
CA ASP A 518 17.68 -8.18 -11.49
C ASP A 518 16.23 -8.40 -11.04
N ASN A 519 15.65 -7.40 -10.40
CA ASN A 519 14.27 -7.49 -9.93
C ASN A 519 13.31 -6.93 -10.98
N ARG A 520 13.85 -6.60 -12.15
CA ARG A 520 13.05 -6.03 -13.22
C ARG A 520 13.13 -6.86 -14.51
N ARG A 521 13.11 -8.18 -14.37
CA ARG A 521 13.18 -9.08 -15.53
C ARG A 521 11.94 -8.96 -16.41
N SER A 522 12.07 -9.36 -17.67
CA SER A 522 10.95 -9.32 -18.59
C SER A 522 9.92 -10.36 -18.15
N PHE A 523 8.66 -10.12 -18.49
CA PHE A 523 7.56 -11.01 -18.10
C PHE A 523 7.39 -12.20 -19.07
N ASP A 524 7.33 -13.41 -18.51
CA ASP A 524 7.19 -14.63 -19.30
C ASP A 524 5.71 -14.92 -19.54
N TRP A 525 5.20 -14.56 -20.71
CA TRP A 525 3.79 -14.76 -21.00
C TRP A 525 3.26 -16.18 -21.11
N SER A 526 4.15 -17.15 -21.26
CA SER A 526 3.73 -18.54 -21.33
C SER A 526 3.39 -19.02 -19.92
N GLN A 527 3.99 -18.38 -18.93
CA GLN A 527 3.79 -18.75 -17.54
C GLN A 527 2.70 -17.95 -16.82
N ALA A 528 1.98 -17.13 -17.59
CA ALA A 528 0.91 -16.31 -17.04
C ALA A 528 -0.44 -16.81 -17.50
N THR A 529 -0.83 -17.99 -17.02
CA THR A 529 -2.10 -18.59 -17.37
C THR A 529 -2.56 -19.39 -16.18
N PRO A 530 -3.88 -19.62 -16.05
CA PRO A 530 -4.37 -20.40 -14.91
C PRO A 530 -3.74 -21.80 -14.85
N SER A 531 -2.91 -22.11 -15.84
CA SER A 531 -2.22 -23.40 -15.88
C SER A 531 -1.06 -23.31 -14.88
N ASN A 532 -0.78 -22.10 -14.43
CA ASN A 532 0.28 -21.87 -13.45
C ASN A 532 -0.37 -21.90 -12.07
N SER A 533 0.22 -22.67 -11.17
CA SER A 533 -0.31 -22.82 -9.82
C SER A 533 -0.44 -21.53 -9.01
N ALA A 534 0.55 -20.65 -9.10
CA ALA A 534 0.47 -19.39 -8.36
C ALA A 534 -0.54 -18.47 -9.01
N VAL A 535 -0.52 -18.41 -10.34
CA VAL A 535 -1.47 -17.57 -11.05
C VAL A 535 -2.90 -17.97 -10.71
N ALA A 536 -3.17 -19.27 -10.72
CA ALA A 536 -4.49 -19.79 -10.41
C ALA A 536 -4.93 -19.41 -9.00
N LEU A 537 -4.00 -19.48 -8.05
CA LEU A 537 -4.30 -19.13 -6.67
C LEU A 537 -4.57 -17.63 -6.59
N THR A 538 -3.77 -16.84 -7.29
CA THR A 538 -3.94 -15.39 -7.27
C THR A 538 -5.34 -15.01 -7.76
N GLN A 539 -5.74 -15.57 -8.90
CA GLN A 539 -7.06 -15.27 -9.44
C GLN A 539 -8.16 -15.67 -8.45
N LYS A 540 -8.02 -16.85 -7.86
CA LYS A 540 -8.99 -17.35 -6.91
C LYS A 540 -9.08 -16.42 -5.70
N LEU A 541 -7.92 -16.05 -5.17
CA LEU A 541 -7.85 -15.15 -4.03
C LEU A 541 -8.44 -13.78 -4.31
N ILE A 542 -8.17 -13.23 -5.49
CA ILE A 542 -8.71 -11.92 -5.85
C ILE A 542 -10.23 -12.02 -5.90
N THR A 543 -10.73 -13.10 -6.48
CA THR A 543 -12.17 -13.33 -6.58
C THR A 543 -12.75 -13.39 -5.16
N ILE A 544 -12.05 -14.09 -4.27
CA ILE A 544 -12.50 -14.22 -2.89
C ILE A 544 -12.57 -12.84 -2.21
N ARG A 545 -11.49 -12.07 -2.31
CA ARG A 545 -11.47 -10.75 -1.69
C ARG A 545 -12.62 -9.89 -2.23
N ASN A 546 -12.81 -9.92 -3.55
CA ASN A 546 -13.87 -9.15 -4.20
C ASN A 546 -15.27 -9.56 -3.78
N GLN A 547 -15.42 -10.80 -3.33
CA GLN A 547 -16.71 -11.30 -2.89
C GLN A 547 -17.05 -10.86 -1.46
N TYR A 548 -16.02 -10.71 -0.63
CA TYR A 548 -16.24 -10.35 0.77
C TYR A 548 -15.71 -8.99 1.21
N PRO A 549 -16.61 -8.01 1.34
CA PRO A 549 -16.19 -6.66 1.77
C PRO A 549 -15.45 -6.70 3.10
N ALA A 550 -15.73 -7.71 3.92
CA ALA A 550 -15.09 -7.84 5.22
C ALA A 550 -13.57 -7.96 5.09
N LEU A 551 -13.11 -8.52 3.98
CA LEU A 551 -11.68 -8.68 3.75
C LEU A 551 -11.01 -7.36 3.40
N ARG A 552 -11.80 -6.42 2.89
CA ARG A 552 -11.27 -5.11 2.49
C ARG A 552 -11.43 -4.03 3.54
N THR A 553 -12.60 -3.99 4.18
CA THR A 553 -12.87 -2.96 5.17
C THR A 553 -13.42 -3.49 6.50
N GLY A 554 -13.37 -4.81 6.69
CA GLY A 554 -13.89 -5.36 7.93
C GLY A 554 -12.91 -5.25 9.08
N SER A 555 -13.34 -5.66 10.28
CA SER A 555 -12.49 -5.62 11.45
C SER A 555 -11.38 -6.68 11.31
N PHE A 556 -10.35 -6.57 12.15
CA PHE A 556 -9.25 -7.53 12.17
C PHE A 556 -9.04 -7.94 13.61
N MET A 557 -9.07 -9.24 13.87
CA MET A 557 -8.88 -9.74 15.23
C MET A 557 -7.99 -10.98 15.21
N THR A 558 -6.96 -10.97 16.04
CA THR A 558 -6.04 -12.10 16.10
C THR A 558 -6.78 -13.27 16.77
N LEU A 559 -6.57 -14.48 16.24
CA LEU A 559 -7.22 -15.67 16.79
C LEU A 559 -6.22 -16.68 17.33
N ILE A 560 -5.12 -16.86 16.60
CA ILE A 560 -4.09 -17.82 17.03
C ILE A 560 -2.69 -17.39 16.69
N THR A 561 -1.80 -17.48 17.67
CA THR A 561 -0.39 -17.16 17.50
C THR A 561 0.36 -18.31 18.17
N ASP A 562 0.48 -19.41 17.45
CA ASP A 562 1.15 -20.61 17.96
C ASP A 562 2.57 -20.72 17.43
N ASP A 563 3.55 -20.44 18.29
CA ASP A 563 4.96 -20.51 17.89
C ASP A 563 5.44 -21.95 17.82
N THR A 564 4.71 -22.87 18.45
CA THR A 564 5.08 -24.27 18.44
C THR A 564 4.89 -24.82 17.02
N ASN A 565 3.63 -24.88 16.58
CA ASN A 565 3.28 -25.38 15.26
C ASN A 565 3.39 -24.33 14.15
N LYS A 566 3.76 -23.12 14.54
CA LYS A 566 3.89 -22.02 13.58
C LYS A 566 2.59 -21.71 12.85
N ILE A 567 1.50 -21.63 13.62
CA ILE A 567 0.18 -21.36 13.07
C ILE A 567 -0.30 -19.95 13.41
N TYR A 568 -0.76 -19.23 12.39
CA TYR A 568 -1.28 -17.87 12.59
C TYR A 568 -2.70 -17.80 12.08
N SER A 569 -3.63 -17.43 12.96
CA SER A 569 -5.01 -17.31 12.55
C SER A 569 -5.58 -15.96 12.98
N TYR A 570 -6.35 -15.36 12.10
CA TYR A 570 -6.99 -14.08 12.37
C TYR A 570 -8.32 -14.04 11.66
N GLY A 571 -9.21 -13.19 12.14
CA GLY A 571 -10.50 -13.07 11.51
C GLY A 571 -10.73 -11.71 10.88
N ARG A 572 -11.55 -11.69 9.84
CA ARG A 572 -11.92 -10.46 9.16
C ARG A 572 -13.43 -10.53 9.19
N PHE A 573 -14.08 -9.49 9.69
CA PHE A 573 -15.53 -9.56 9.81
C PHE A 573 -16.25 -8.23 9.88
N ASP A 574 -17.51 -8.23 9.45
CA ASP A 574 -18.35 -7.05 9.48
C ASP A 574 -19.77 -7.50 9.83
N ASN A 575 -20.75 -6.64 9.54
CA ASN A 575 -22.15 -6.93 9.85
C ASN A 575 -22.69 -8.15 9.11
N VAL A 576 -22.07 -8.49 7.98
CA VAL A 576 -22.53 -9.61 7.18
C VAL A 576 -21.69 -10.88 7.24
N ASN A 577 -20.41 -10.78 6.91
CA ASN A 577 -19.56 -11.96 6.92
C ASN A 577 -18.57 -12.06 8.06
N ARG A 578 -18.17 -13.31 8.33
CA ARG A 578 -17.21 -13.66 9.36
C ARG A 578 -16.26 -14.64 8.68
N ILE A 579 -14.99 -14.27 8.60
CA ILE A 579 -13.99 -15.11 7.96
C ILE A 579 -12.80 -15.34 8.88
N ALA A 580 -12.45 -16.61 9.08
CA ALA A 580 -11.30 -16.97 9.90
C ALA A 580 -10.21 -17.50 8.97
N VAL A 581 -9.10 -16.76 8.92
CA VAL A 581 -7.98 -17.17 8.09
C VAL A 581 -7.01 -17.96 8.95
N VAL A 582 -6.63 -19.13 8.48
CA VAL A 582 -5.70 -20.00 9.20
C VAL A 582 -4.47 -20.23 8.33
N LEU A 583 -3.33 -19.74 8.78
CA LEU A 583 -2.10 -19.89 8.02
C LEU A 583 -1.12 -20.84 8.70
N ASN A 584 -0.55 -21.75 7.91
CA ASN A 584 0.40 -22.71 8.43
C ASN A 584 1.77 -22.34 7.88
N ASN A 585 2.61 -21.76 8.73
CA ASN A 585 3.94 -21.35 8.30
C ASN A 585 4.98 -22.43 8.53
N ASP A 586 4.52 -23.63 8.89
CA ASP A 586 5.44 -24.75 9.13
C ASP A 586 5.63 -25.54 7.84
N SER A 587 6.63 -26.42 7.84
CA SER A 587 6.93 -27.24 6.67
C SER A 587 6.15 -28.55 6.70
N VAL A 588 5.29 -28.69 7.69
CA VAL A 588 4.48 -29.89 7.82
C VAL A 588 3.02 -29.54 8.11
N SER A 589 2.13 -30.46 7.77
CA SER A 589 0.70 -30.26 7.97
C SER A 589 0.35 -30.20 9.46
N HIS A 590 -0.71 -29.46 9.78
CA HIS A 590 -1.17 -29.33 11.16
C HIS A 590 -2.68 -29.25 11.19
N THR A 591 -3.28 -29.93 12.17
CA THR A 591 -4.72 -29.89 12.33
C THR A 591 -4.96 -28.83 13.39
N VAL A 592 -5.70 -27.79 13.02
CA VAL A 592 -5.98 -26.67 13.90
C VAL A 592 -7.43 -26.53 14.33
N ASN A 593 -7.63 -26.25 15.61
CA ASN A 593 -8.97 -26.01 16.15
C ASN A 593 -9.11 -24.49 16.19
N VAL A 594 -9.79 -23.94 15.18
CA VAL A 594 -9.97 -22.50 15.08
C VAL A 594 -11.11 -22.01 15.97
N PRO A 595 -10.81 -21.07 16.89
CA PRO A 595 -11.79 -20.51 17.82
C PRO A 595 -12.70 -19.48 17.15
N VAL A 596 -13.52 -19.95 16.21
CA VAL A 596 -14.44 -19.09 15.48
C VAL A 596 -15.48 -18.44 16.37
N TRP A 597 -15.59 -18.90 17.61
CA TRP A 597 -16.58 -18.31 18.51
C TRP A 597 -16.20 -16.85 18.80
N GLN A 598 -14.92 -16.52 18.67
CA GLN A 598 -14.44 -15.15 18.91
C GLN A 598 -15.02 -14.18 17.88
N LEU A 599 -15.34 -14.70 16.69
CA LEU A 599 -15.93 -13.91 15.62
C LEU A 599 -17.44 -14.03 15.67
N SER A 600 -17.93 -14.72 16.69
CA SER A 600 -19.35 -14.94 16.89
C SER A 600 -20.00 -15.79 15.80
N MET A 601 -19.26 -16.77 15.29
CA MET A 601 -19.81 -17.68 14.29
C MET A 601 -20.63 -18.66 15.11
N PRO A 602 -21.97 -18.64 14.94
CA PRO A 602 -22.92 -19.51 15.64
C PRO A 602 -22.65 -21.01 15.55
N ASN A 603 -22.81 -21.68 16.69
CA ASN A 603 -22.61 -23.13 16.73
C ASN A 603 -23.56 -23.78 15.74
N GLY A 604 -23.10 -24.84 15.08
CA GLY A 604 -23.94 -25.53 14.12
C GLY A 604 -23.93 -24.93 12.73
N SER A 605 -23.43 -23.69 12.61
CA SER A 605 -23.39 -23.05 11.29
C SER A 605 -22.24 -23.67 10.51
N THR A 606 -22.19 -23.39 9.21
CA THR A 606 -21.12 -23.94 8.38
C THR A 606 -20.21 -22.87 7.82
N VAL A 607 -19.01 -23.27 7.45
CA VAL A 607 -18.02 -22.38 6.86
C VAL A 607 -17.36 -23.12 5.71
N THR A 608 -16.99 -22.40 4.67
CA THR A 608 -16.33 -23.01 3.52
C THR A 608 -14.91 -22.49 3.41
N ASP A 609 -13.95 -23.40 3.30
CA ASP A 609 -12.56 -23.01 3.12
C ASP A 609 -12.44 -22.70 1.63
N LYS A 610 -12.46 -21.43 1.26
CA LYS A 610 -12.40 -21.07 -0.15
C LYS A 610 -11.10 -21.40 -0.89
N ILE A 611 -10.09 -21.89 -0.17
CA ILE A 611 -8.84 -22.25 -0.83
C ILE A 611 -8.96 -23.66 -1.42
N THR A 612 -9.54 -24.57 -0.65
CA THR A 612 -9.71 -25.96 -1.07
C THR A 612 -11.14 -26.28 -1.51
N GLY A 613 -12.09 -25.45 -1.11
CA GLY A 613 -13.47 -25.68 -1.46
C GLY A 613 -14.21 -26.55 -0.46
N HIS A 614 -13.47 -27.08 0.51
CA HIS A 614 -14.05 -27.94 1.55
C HIS A 614 -14.94 -27.18 2.53
N SER A 615 -15.95 -27.86 3.04
CA SER A 615 -16.89 -27.26 3.99
C SER A 615 -16.74 -27.86 5.39
N TYR A 616 -17.06 -27.06 6.41
CA TYR A 616 -16.97 -27.48 7.80
C TYR A 616 -18.13 -26.94 8.63
N THR A 617 -18.39 -27.58 9.77
CA THR A 617 -19.47 -27.16 10.66
C THR A 617 -18.88 -26.66 11.98
N VAL A 618 -19.42 -25.55 12.48
CA VAL A 618 -18.94 -24.99 13.75
C VAL A 618 -19.54 -25.75 14.92
N GLN A 619 -18.68 -26.40 15.70
CA GLN A 619 -19.14 -27.16 16.85
C GLN A 619 -18.41 -26.74 18.12
N ASN A 620 -19.18 -26.30 19.11
CA ASN A 620 -18.63 -25.83 20.38
C ASN A 620 -17.62 -24.71 20.14
N GLY A 621 -18.04 -23.74 19.33
CA GLY A 621 -17.22 -22.59 19.01
C GLY A 621 -15.92 -22.87 18.29
N MET A 622 -15.80 -24.05 17.68
CA MET A 622 -14.57 -24.40 16.98
C MET A 622 -14.78 -24.95 15.58
N VAL A 623 -13.73 -24.87 14.78
CA VAL A 623 -13.71 -25.42 13.43
C VAL A 623 -12.38 -26.14 13.35
N THR A 624 -12.42 -27.45 13.11
CA THR A 624 -11.20 -28.23 13.02
C THR A 624 -10.82 -28.41 11.55
N VAL A 625 -9.67 -27.87 11.18
CA VAL A 625 -9.21 -27.96 9.80
C VAL A 625 -7.75 -28.36 9.71
N ALA A 626 -7.45 -29.29 8.81
CA ALA A 626 -6.09 -29.75 8.60
C ALA A 626 -5.50 -28.88 7.50
N VAL A 627 -4.48 -28.10 7.83
CA VAL A 627 -3.87 -27.22 6.85
C VAL A 627 -2.47 -27.68 6.48
N ASP A 628 -2.24 -27.82 5.17
CA ASP A 628 -0.95 -28.24 4.67
C ASP A 628 0.16 -27.26 5.04
N GLY A 629 1.40 -27.74 5.02
CA GLY A 629 2.53 -26.89 5.34
C GLY A 629 2.65 -25.75 4.34
N HIS A 630 3.03 -24.58 4.83
CA HIS A 630 3.18 -23.41 3.96
C HIS A 630 1.94 -23.21 3.08
N TYR A 631 0.76 -23.32 3.70
CA TYR A 631 -0.49 -23.12 3.00
C TYR A 631 -1.46 -22.47 3.98
N GLY A 632 -2.70 -22.27 3.54
CA GLY A 632 -3.67 -21.66 4.43
C GLY A 632 -5.09 -21.98 4.07
N ALA A 633 -5.99 -21.65 4.99
CA ALA A 633 -7.42 -21.88 4.78
C ALA A 633 -8.15 -20.56 5.03
N VAL A 634 -9.20 -20.31 4.25
CA VAL A 634 -9.99 -19.09 4.39
C VAL A 634 -11.41 -19.53 4.70
N LEU A 635 -11.67 -19.81 5.98
CA LEU A 635 -12.98 -20.28 6.42
C LEU A 635 -13.99 -19.14 6.47
N ALA A 636 -14.87 -19.09 5.47
CA ALA A 636 -15.86 -18.02 5.41
C ALA A 636 -17.32 -18.45 5.50
N GLN A 637 -18.14 -17.55 6.02
CA GLN A 637 -19.58 -17.75 6.15
C GLN A 637 -20.26 -16.39 6.08
C1 GLC B . 13.01 6.05 -5.46
C2 GLC B . 12.60 4.98 -6.46
C3 GLC B . 13.87 4.36 -7.03
C4 GLC B . 14.64 5.45 -7.76
C5 GLC B . 14.92 6.66 -6.82
C6 GLC B . 15.38 7.86 -7.62
O1 GLC B . 13.86 5.51 -4.51
O2 GLC B . 11.79 3.98 -5.83
O3 GLC B . 13.55 3.29 -7.91
O4 GLC B . 15.89 4.91 -8.26
O5 GLC B . 13.70 7.09 -6.14
O6 GLC B . 14.28 8.48 -8.28
C1 GLC B . 16.16 5.12 -9.62
C2 GLC B . 16.25 3.78 -10.36
C3 GLC B . 17.47 3.00 -9.89
C4 GLC B . 18.74 3.85 -10.05
C5 GLC B . 18.56 5.20 -9.34
C6 GLC B . 19.73 6.14 -9.56
O2 GLC B . 15.07 3.01 -10.12
O3 GLC B . 17.59 1.80 -10.66
O4 GLC B . 19.85 3.14 -9.47
O5 GLC B . 17.37 5.86 -9.81
O6 GLC B . 19.87 6.47 -10.94
C1 GLC B . 20.55 2.28 -10.33
C2 GLC B . 21.38 1.30 -9.50
C3 GLC B . 22.52 2.06 -8.80
C4 GLC B . 23.36 2.79 -9.85
C5 GLC B . 22.45 3.74 -10.66
C6 GLC B . 23.18 4.44 -11.78
O2 GLC B . 20.56 0.67 -8.53
O3 GLC B . 23.33 1.15 -8.08
O4 GLC B . 24.41 3.54 -9.20
O5 GLC B . 21.38 2.98 -11.26
O6 GLC B . 22.62 5.71 -12.03
C1 GLC B . 25.65 2.88 -9.19
C2 GLC B . 26.34 3.06 -7.83
C3 GLC B . 26.88 4.49 -7.69
C4 GLC B . 27.80 4.80 -8.87
C5 GLC B . 27.01 4.63 -10.17
C6 GLC B . 27.86 4.88 -11.41
O2 GLC B . 25.43 2.79 -6.78
O3 GLC B . 27.60 4.62 -6.47
O4 GLC B . 28.31 6.16 -8.75
O5 GLC B . 26.51 3.28 -10.27
O6 GLC B . 28.67 3.76 -11.70
C1 GLC B . 29.58 6.25 -8.19
C2 GLC B . 29.77 7.63 -7.51
C3 GLC B . 30.01 8.73 -8.55
C4 GLC B . 31.14 8.34 -9.49
C5 GLC B . 30.82 7.00 -10.14
C6 GLC B . 31.93 6.51 -11.06
O2 GLC B . 28.64 7.94 -6.73
O3 GLC B . 30.34 9.94 -7.89
O4 GLC B . 31.31 9.34 -10.50
O5 GLC B . 30.63 5.99 -9.12
O6 GLC B . 33.16 7.14 -10.77
C1 GLC C . 0.28 13.74 27.19
C2 GLC C . -0.68 12.55 27.05
C3 GLC C . -0.86 12.16 25.59
C4 GLC C . -1.24 13.38 24.74
C5 GLC C . -0.23 14.52 24.98
C6 GLC C . -0.59 15.80 24.23
O1 GLC C . 1.54 13.38 26.76
O2 GLC C . -0.16 11.45 27.77
O3 GLC C . -1.86 11.15 25.48
O4 GLC C . -1.22 13.02 23.35
O5 GLC C . -0.18 14.84 26.39
O6 GLC C . 0.57 16.40 23.68
C1 GLC C . -2.34 13.40 22.59
C2 GLC C . -3.23 12.19 22.35
C3 GLC C . -2.44 11.15 21.54
C4 GLC C . -1.94 11.76 20.24
C5 GLC C . -1.16 13.06 20.51
C6 GLC C . -0.81 13.81 19.24
O2 GLC C . -3.63 11.62 23.60
O3 GLC C . -3.26 10.02 21.27
O4 GLC C . -1.08 10.82 19.59
O5 GLC C . -1.95 13.95 21.33
O6 GLC C . 0.12 14.84 19.51
C1 GLC C . -1.58 10.23 18.43
C2 GLC C . -1.26 8.73 18.45
C3 GLC C . 0.26 8.53 18.35
C4 GLC C . 0.81 9.26 17.11
C5 GLC C . 0.38 10.72 17.11
C6 GLC C . 0.77 11.46 15.84
O2 GLC C . -1.76 8.17 19.66
O3 GLC C . 0.57 7.14 18.29
O4 GLC C . 2.25 9.18 17.13
O5 GLC C . -1.06 10.83 17.24
O6 GLC C . 0.01 11.00 14.73
C1 GLC C . 2.83 8.28 16.22
C2 GLC C . 3.86 7.42 16.96
C3 GLC C . 5.05 8.28 17.40
C4 GLC C . 5.65 9.03 16.20
C5 GLC C . 4.54 9.82 15.49
C6 GLC C . 5.01 10.50 14.22
O2 GLC C . 3.26 6.83 18.10
O3 GLC C . 6.05 7.45 17.99
O4 GLC C . 6.65 9.94 16.65
O5 GLC C . 3.44 8.94 15.12
O6 GLC C . 4.02 11.39 13.72
C1 GLC D . -30.08 -8.67 29.61
C2 GLC D . -28.78 -8.81 28.80
C3 GLC D . -27.59 -8.48 29.70
C4 GLC D . -27.75 -7.08 30.28
C5 GLC D . -29.09 -7.01 31.04
C6 GLC D . -29.37 -5.62 31.60
O1 GLC D . -30.09 -9.56 30.66
O2 GLC D . -28.66 -10.14 28.32
O3 GLC D . -26.38 -8.54 28.95
O4 GLC D . -26.66 -6.78 31.16
O5 GLC D . -30.19 -7.35 30.15
O6 GLC D . -29.42 -4.66 30.57
C1 GLC D . -25.69 -5.91 30.64
C2 GLC D . -24.28 -6.42 31.01
C3 GLC D . -24.08 -6.32 32.51
C4 GLC D . -24.30 -4.87 32.96
C5 GLC D . -25.68 -4.36 32.51
C6 GLC D . -25.88 -2.88 32.78
O2 GLC D . -24.13 -7.77 30.57
O3 GLC D . -22.79 -6.76 32.86
O4 GLC D . -24.21 -4.80 34.39
O5 GLC D . -25.86 -4.57 31.09
O6 GLC D . -27.24 -2.52 32.74
C1 GLC D . -22.96 -4.47 34.92
C2 GLC D . -22.65 -5.39 36.09
C3 GLC D . -23.64 -5.12 37.23
C4 GLC D . -23.67 -3.64 37.62
C5 GLC D . -23.85 -2.75 36.37
C6 GLC D . -23.64 -1.27 36.67
O2 GLC D . -22.76 -6.74 35.66
O3 GLC D . -23.29 -5.91 38.36
O4 GLC D . -24.77 -3.41 38.53
O5 GLC D . -22.90 -3.11 35.35
O6 GLC D . -22.31 -1.02 37.09
C1 GLC D . -24.43 -2.94 39.80
C2 GLC D . -25.22 -3.71 40.87
C3 GLC D . -26.71 -3.35 40.79
C4 GLC D . -26.89 -1.84 40.87
C5 GLC D . -26.04 -1.16 39.78
C6 GLC D . -26.10 0.35 39.84
O2 GLC D . -25.06 -5.11 40.68
O3 GLC D . -27.41 -3.97 41.87
O4 GLC D . -28.26 -1.51 40.68
O5 GLC D . -24.66 -1.54 39.93
O6 GLC D . -26.50 0.90 38.60
CA CA E . -15.00 -9.92 35.17
CA CA F . 8.06 -1.61 -27.90
CA CA G . 21.43 24.09 -23.68
#